data_1W5S
#
_entry.id   1W5S
#
_cell.length_a   67.495
_cell.length_b   101.911
_cell.length_c   255.797
_cell.angle_alpha   90.00
_cell.angle_beta   90.00
_cell.angle_gamma   90.00
#
_symmetry.space_group_name_H-M   'C 2 2 21'
#
loop_
_entity.id
_entity.type
_entity.pdbx_description
1 polymer 'ORIGIN RECOGNITION COMPLEX SUBUNIT 2 ORC2'
2 non-polymer 'SULFATE ION'
3 non-polymer "ADENOSINE-5'-DIPHOSPHATE"
4 water water
#
_entity_poly.entity_id   1
_entity_poly.type   'polypeptide(L)'
_entity_poly.pdbx_seq_one_letter_code
;MKVLRHGLFKDRRVFDENYIPPELRVRRGEAEALARIYLNRLLSGAGLSDVNMIYGSIGRVGIGKTTLAKFTVKRVSEAA
AKEGLTVKQAYVNAFNAPNLYTILSLIVRQTGYPIQVRGAPALDILKALVDNLYVENHYLLVILDEFQSMLSSPRIAAED
LYTLLRVHEEIPSRDGVNRIGFLLVASDVRALSYMREKIPQVESQIGFKLHLPAYKSRELYTILEQRAELGLRDTVWEPR
HLELISDVYGEDKGGDGSARRAIVALKMACEMAEAMGRDSLSEDLVRKAVSENEAASIQTHELEALSIHELIILRLIAEA
TLGGMEWINAGLLRQRYEDASLTMYNVKPRGYTQYHIYLKHLTSLGLVDAKPSGRGMRGRTTLFRLAPHLPADRLIEVVD
NIIQAKMASGYE
;
_entity_poly.pdbx_strand_id   A,B
#
loop_
_chem_comp.id
_chem_comp.type
_chem_comp.name
_chem_comp.formula
ADP non-polymer ADENOSINE-5'-DIPHOSPHATE 'C10 H15 N5 O10 P2'
SO4 non-polymer 'SULFATE ION' 'O4 S -2'
#
# COMPACT_ATOMS: atom_id res chain seq x y z
N GLY A 7 -6.71 25.75 -39.05
CA GLY A 7 -7.13 24.69 -38.09
C GLY A 7 -6.70 23.26 -38.38
N LEU A 8 -5.87 22.70 -37.50
CA LEU A 8 -5.72 21.26 -37.38
C LEU A 8 -6.64 20.81 -36.25
N PHE A 9 -6.82 21.68 -35.25
CA PHE A 9 -7.71 21.41 -34.12
C PHE A 9 -9.19 21.38 -34.47
N LYS A 10 -9.91 20.36 -34.02
CA LYS A 10 -11.39 20.39 -34.01
C LYS A 10 -11.92 20.78 -32.65
N ASP A 11 -11.09 20.61 -31.62
CA ASP A 11 -11.36 21.13 -30.30
C ASP A 11 -10.08 21.39 -29.49
N ARG A 12 -9.69 22.67 -29.43
CA ARG A 12 -8.43 23.08 -28.78
C ARG A 12 -8.43 22.89 -27.28
N ARG A 13 -9.59 22.80 -26.68
CA ARG A 13 -9.63 22.54 -25.26
C ARG A 13 -9.00 21.21 -24.89
N VAL A 14 -9.07 20.24 -25.81
CA VAL A 14 -8.53 18.92 -25.54
C VAL A 14 -7.02 19.01 -25.17
N PHE A 15 -6.34 20.04 -25.66
CA PHE A 15 -4.94 20.22 -25.36
C PHE A 15 -4.56 21.13 -24.19
N ASP A 16 -5.53 21.71 -23.45
CA ASP A 16 -5.16 22.56 -22.30
C ASP A 16 -4.56 21.65 -21.23
N GLU A 17 -3.65 22.18 -20.41
CA GLU A 17 -3.05 21.46 -19.28
C GLU A 17 -4.10 20.89 -18.31
N ASN A 18 -5.27 21.51 -18.21
CA ASN A 18 -6.28 21.12 -17.23
C ASN A 18 -7.28 20.06 -17.70
N TYR A 19 -7.38 19.83 -19.01
CA TYR A 19 -8.36 18.94 -19.61
C TYR A 19 -8.19 17.51 -19.15
N ILE A 20 -9.25 16.91 -18.63
CA ILE A 20 -9.31 15.47 -18.45
C ILE A 20 -10.26 14.96 -19.53
N PRO A 21 -9.90 13.83 -20.16
CA PRO A 21 -10.82 13.22 -21.11
C PRO A 21 -12.02 12.55 -20.40
N PRO A 22 -13.09 12.31 -21.16
CA PRO A 22 -14.31 11.77 -20.64
C PRO A 22 -14.17 10.31 -20.19
N GLU A 23 -13.15 9.59 -20.72
CA GLU A 23 -12.76 8.26 -20.23
C GLU A 23 -11.23 8.07 -20.21
N LEU A 24 -10.73 7.25 -19.29
CA LEU A 24 -9.33 6.95 -19.26
C LEU A 24 -9.07 5.72 -20.11
N ARG A 25 -7.95 5.64 -20.81
CA ARG A 25 -7.62 4.45 -21.58
C ARG A 25 -6.34 3.84 -21.11
N VAL A 26 -5.68 4.49 -20.17
CA VAL A 26 -4.43 3.97 -19.65
C VAL A 26 -4.48 3.72 -18.12
N ARG A 27 -5.21 4.54 -17.39
CA ARG A 27 -5.19 4.34 -15.93
C ARG A 27 -6.57 3.83 -15.49
N ARG A 28 -7.29 3.27 -16.47
CA ARG A 28 -8.76 3.39 -16.62
C ARG A 28 -9.46 2.42 -15.74
N GLY A 29 -8.80 1.27 -15.64
CA GLY A 29 -9.16 0.18 -14.79
C GLY A 29 -9.01 0.61 -13.36
N GLU A 30 -7.78 1.01 -13.00
CA GLU A 30 -7.40 1.49 -11.60
C GLU A 30 -8.02 2.84 -11.12
N ALA A 31 -9.03 3.31 -11.86
CA ALA A 31 -9.81 4.44 -11.45
C ALA A 31 -11.18 3.92 -11.07
N GLU A 32 -11.87 3.23 -12.02
CA GLU A 32 -13.24 2.59 -11.81
C GLU A 32 -13.21 1.67 -10.60
N ALA A 33 -12.03 1.09 -10.37
CA ALA A 33 -11.83 0.25 -9.24
C ALA A 33 -11.76 0.99 -7.92
N LEU A 34 -10.73 1.77 -7.74
CA LEU A 34 -10.71 2.69 -6.57
C LEU A 34 -12.14 3.27 -6.33
N ALA A 35 -12.62 4.04 -7.29
CA ALA A 35 -13.96 4.54 -7.23
C ALA A 35 -14.86 3.48 -6.65
N ARG A 36 -14.63 2.24 -7.03
CA ARG A 36 -15.33 1.13 -6.33
C ARG A 36 -14.99 0.97 -4.83
N ILE A 37 -13.74 1.14 -4.45
CA ILE A 37 -13.42 1.17 -3.06
C ILE A 37 -14.19 2.25 -2.32
N TYR A 38 -13.97 3.53 -2.69
CA TYR A 38 -14.60 4.72 -2.07
C TYR A 38 -16.15 4.50 -1.88
N LEU A 39 -16.77 3.85 -2.88
CA LEU A 39 -18.16 3.63 -2.88
C LEU A 39 -18.66 2.56 -1.92
N ASN A 40 -17.91 1.46 -1.81
CA ASN A 40 -18.26 0.41 -0.89
C ASN A 40 -18.30 0.87 0.57
N ARG A 41 -17.37 1.68 1.01
CA ARG A 41 -17.42 2.28 2.36
C ARG A 41 -18.68 3.16 2.55
N LEU A 42 -19.03 3.93 1.53
CA LEU A 42 -20.28 4.64 1.48
C LEU A 42 -21.44 3.71 1.64
N LEU A 43 -21.50 2.70 0.79
CA LEU A 43 -22.67 1.82 0.78
C LEU A 43 -22.76 0.90 1.97
N SER A 44 -21.67 0.65 2.67
CA SER A 44 -21.75 -0.24 3.82
C SER A 44 -22.11 0.53 5.11
N GLY A 45 -22.52 1.80 4.95
CA GLY A 45 -22.50 2.75 6.07
C GLY A 45 -21.07 3.03 6.51
N ALA A 46 -20.91 3.72 7.62
CA ALA A 46 -19.62 4.39 7.85
C ALA A 46 -19.21 5.12 6.58
N GLY A 47 -19.88 6.24 6.28
CA GLY A 47 -19.79 6.98 5.01
C GLY A 47 -18.44 7.35 4.47
N LEU A 48 -18.11 8.64 4.46
CA LEU A 48 -16.84 9.10 3.92
C LEU A 48 -15.88 9.55 5.02
N SER A 49 -14.78 8.83 5.16
CA SER A 49 -13.73 9.24 6.06
C SER A 49 -12.30 8.82 5.71
N ASP A 50 -12.14 7.78 4.89
CA ASP A 50 -10.83 7.33 4.49
C ASP A 50 -9.92 8.43 3.90
N VAL A 51 -8.65 8.18 4.09
CA VAL A 51 -7.60 8.94 3.52
C VAL A 51 -6.79 7.97 2.67
N ASN A 52 -6.76 8.24 1.39
CA ASN A 52 -5.96 7.50 0.46
C ASN A 52 -4.90 8.37 -0.17
N MET A 53 -3.97 7.69 -0.83
CA MET A 53 -2.84 8.34 -1.39
C MET A 53 -2.27 7.77 -2.70
N ILE A 54 -1.90 8.74 -3.54
CA ILE A 54 -1.27 8.53 -4.82
C ILE A 54 0.06 9.30 -4.80
N TYR A 55 1.15 8.60 -5.13
CA TYR A 55 2.41 9.23 -5.42
C TYR A 55 3.14 8.53 -6.63
N GLY A 56 4.25 9.09 -7.06
CA GLY A 56 5.08 8.55 -8.17
C GLY A 56 6.50 8.31 -7.74
N SER A 57 7.41 7.95 -8.68
CA SER A 57 8.82 7.91 -8.33
C SER A 57 9.45 9.32 -8.22
N ILE A 58 10.60 9.39 -7.64
CA ILE A 58 11.18 10.67 -7.34
C ILE A 58 11.76 11.27 -8.61
N GLY A 59 11.51 12.56 -8.80
CA GLY A 59 11.86 13.22 -10.04
C GLY A 59 10.82 13.12 -11.17
N ARG A 60 9.79 12.27 -11.04
CA ARG A 60 8.84 12.03 -12.13
C ARG A 60 7.67 13.01 -12.09
N VAL A 61 7.33 13.61 -13.24
CA VAL A 61 6.21 14.54 -13.38
C VAL A 61 5.47 14.15 -14.62
N GLY A 62 4.20 14.48 -14.70
CA GLY A 62 3.38 14.31 -15.88
C GLY A 62 2.95 12.88 -16.10
N ILE A 63 2.88 12.12 -15.01
CA ILE A 63 2.60 10.71 -15.05
C ILE A 63 1.13 10.32 -14.71
N GLY A 64 0.25 11.33 -14.58
CA GLY A 64 -1.17 11.09 -14.43
C GLY A 64 -1.65 11.08 -12.97
N LYS A 65 -0.86 11.61 -12.06
CA LYS A 65 -1.24 11.66 -10.68
C LYS A 65 -2.48 12.48 -10.51
N THR A 66 -2.40 13.77 -10.87
CA THR A 66 -3.54 14.72 -10.78
C THR A 66 -4.74 14.20 -11.53
N THR A 67 -4.52 13.71 -12.74
CA THR A 67 -5.58 13.21 -13.58
C THR A 67 -6.27 12.04 -12.98
N LEU A 68 -5.50 11.09 -12.45
CA LEU A 68 -6.05 9.90 -11.81
C LEU A 68 -6.87 10.33 -10.65
N ALA A 69 -6.41 11.31 -9.89
CA ALA A 69 -7.17 11.73 -8.72
C ALA A 69 -8.49 12.42 -9.14
N LYS A 70 -8.40 13.45 -9.99
CA LYS A 70 -9.59 14.14 -10.47
C LYS A 70 -10.61 13.18 -11.05
N PHE A 71 -10.12 12.26 -11.88
CA PHE A 71 -11.00 11.30 -12.58
C PHE A 71 -11.58 10.29 -11.63
N THR A 72 -10.81 9.89 -10.64
CA THR A 72 -11.34 8.99 -9.59
C THR A 72 -12.49 9.68 -8.77
N VAL A 73 -12.26 10.91 -8.33
CA VAL A 73 -13.28 11.60 -7.57
C VAL A 73 -14.61 11.76 -8.40
N LYS A 74 -14.46 12.04 -9.69
CA LYS A 74 -15.58 12.21 -10.57
C LYS A 74 -16.43 10.99 -10.75
N ARG A 75 -15.81 9.85 -10.96
CA ARG A 75 -16.49 8.57 -11.04
C ARG A 75 -17.07 8.09 -9.73
N VAL A 76 -16.39 8.33 -8.62
CA VAL A 76 -17.06 8.19 -7.29
C VAL A 76 -18.41 9.02 -7.24
N SER A 77 -18.36 10.33 -7.44
CA SER A 77 -19.61 11.13 -7.66
C SER A 77 -20.74 10.46 -8.47
N GLU A 78 -20.40 9.99 -9.66
CA GLU A 78 -21.36 9.46 -10.60
C GLU A 78 -21.93 8.13 -10.15
N ALA A 79 -21.04 7.20 -9.82
CA ALA A 79 -21.50 5.94 -9.24
C ALA A 79 -22.32 6.21 -7.99
N ALA A 80 -21.89 7.10 -7.10
CA ALA A 80 -22.72 7.46 -5.91
C ALA A 80 -24.11 8.01 -6.29
N ALA A 81 -24.16 8.91 -7.29
CA ALA A 81 -25.39 9.52 -7.71
C ALA A 81 -26.44 8.49 -8.11
N LYS A 82 -25.99 7.41 -8.74
CA LYS A 82 -26.90 6.33 -9.15
C LYS A 82 -27.47 5.63 -7.96
N GLU A 83 -26.78 5.70 -6.82
CA GLU A 83 -27.28 5.13 -5.59
C GLU A 83 -28.12 6.14 -4.79
N GLY A 84 -28.42 7.28 -5.40
CA GLY A 84 -29.02 8.40 -4.76
C GLY A 84 -28.24 9.07 -3.65
N LEU A 85 -26.92 9.10 -3.70
CA LEU A 85 -26.17 9.56 -2.51
C LEU A 85 -25.72 11.03 -2.45
N THR A 86 -25.15 11.50 -3.54
CA THR A 86 -24.56 12.90 -3.57
C THR A 86 -23.13 13.14 -2.97
N VAL A 87 -22.09 12.87 -3.76
CA VAL A 87 -20.71 13.27 -3.34
C VAL A 87 -20.17 14.46 -4.12
N LYS A 88 -19.78 15.48 -3.36
CA LYS A 88 -19.18 16.67 -3.91
C LYS A 88 -17.66 16.50 -3.97
N GLN A 89 -17.07 17.25 -4.91
CA GLN A 89 -15.67 17.18 -5.25
C GLN A 89 -15.05 18.51 -4.85
N ALA A 90 -13.91 18.44 -4.15
CA ALA A 90 -13.03 19.60 -3.96
C ALA A 90 -11.62 19.21 -4.33
N TYR A 91 -10.94 20.11 -5.00
CA TYR A 91 -9.59 19.95 -5.46
C TYR A 91 -8.82 21.09 -4.89
N VAL A 92 -7.73 20.83 -4.20
CA VAL A 92 -6.86 21.91 -3.74
C VAL A 92 -5.41 21.60 -4.06
N ASN A 93 -4.76 22.49 -4.81
CA ASN A 93 -3.29 22.47 -4.97
C ASN A 93 -2.50 23.18 -3.85
N ALA A 94 -1.58 22.47 -3.22
CA ALA A 94 -0.77 23.08 -2.17
C ALA A 94 0.04 24.29 -2.63
N PHE A 95 0.46 24.35 -3.89
CA PHE A 95 1.14 25.57 -4.37
C PHE A 95 0.18 26.78 -4.35
N ASN A 96 -1.10 26.56 -4.03
CA ASN A 96 -2.02 27.69 -3.91
C ASN A 96 -2.61 27.83 -2.52
N ALA A 97 -2.07 27.13 -1.52
CA ALA A 97 -2.73 27.02 -0.23
C ALA A 97 -1.76 26.96 0.96
N PRO A 98 -1.17 28.13 1.31
CA PRO A 98 -0.11 28.22 2.32
C PRO A 98 -0.49 27.89 3.76
N ASN A 99 -1.77 27.76 4.05
CA ASN A 99 -2.20 27.48 5.40
C ASN A 99 -3.51 26.77 5.46
N LEU A 100 -3.87 26.35 6.66
CA LEU A 100 -5.11 25.69 6.87
C LEU A 100 -6.26 26.60 6.43
N TYR A 101 -6.22 27.87 6.86
CA TYR A 101 -7.24 28.84 6.47
C TYR A 101 -7.50 28.80 4.95
N THR A 102 -6.44 28.83 4.14
CA THR A 102 -6.60 29.00 2.71
C THR A 102 -7.04 27.71 2.04
N ILE A 103 -6.65 26.58 2.59
CA ILE A 103 -7.15 25.27 2.15
C ILE A 103 -8.68 25.12 2.35
N LEU A 104 -9.14 25.47 3.54
CA LEU A 104 -10.53 25.37 3.88
C LEU A 104 -11.38 26.34 3.04
N SER A 105 -10.83 27.50 2.79
CA SER A 105 -11.53 28.54 2.04
C SER A 105 -11.69 28.11 0.56
N LEU A 106 -10.68 27.45 0.01
CA LEU A 106 -10.77 26.97 -1.34
C LEU A 106 -11.80 25.85 -1.38
N ILE A 107 -11.80 24.99 -0.37
CA ILE A 107 -12.71 23.84 -0.33
C ILE A 107 -14.14 24.36 -0.30
N VAL A 108 -14.46 25.22 0.68
CA VAL A 108 -15.83 25.74 0.76
C VAL A 108 -16.34 26.50 -0.49
N ARG A 109 -15.51 27.33 -1.11
CA ARG A 109 -15.88 27.97 -2.38
C ARG A 109 -16.24 26.95 -3.44
N GLN A 110 -15.58 25.80 -3.47
CA GLN A 110 -15.97 24.82 -4.45
C GLN A 110 -17.26 24.08 -4.09
N THR A 111 -17.62 23.99 -2.81
CA THR A 111 -18.92 23.43 -2.38
C THR A 111 -20.16 24.29 -2.81
N GLY A 112 -19.97 25.61 -2.93
CA GLY A 112 -21.09 26.53 -3.12
C GLY A 112 -21.92 26.78 -1.87
N TYR A 113 -21.57 26.20 -0.73
CA TYR A 113 -22.30 26.45 0.51
C TYR A 113 -22.14 27.84 1.11
N PRO A 114 -23.17 28.35 1.79
CA PRO A 114 -23.04 29.72 2.29
C PRO A 114 -22.20 29.81 3.55
N ILE A 115 -20.95 29.44 3.49
CA ILE A 115 -20.15 29.46 4.71
C ILE A 115 -19.32 30.74 4.76
N GLN A 116 -19.66 31.62 5.69
CA GLN A 116 -18.77 32.68 6.16
C GLN A 116 -17.28 32.24 6.27
N VAL A 117 -16.44 32.95 5.52
CA VAL A 117 -15.06 32.61 5.32
C VAL A 117 -14.19 33.83 5.61
N ARG A 118 -14.66 35.01 5.21
CA ARG A 118 -13.99 36.30 5.52
C ARG A 118 -13.76 36.53 7.02
N GLY A 119 -12.50 36.51 7.44
CA GLY A 119 -12.14 36.83 8.82
C GLY A 119 -12.50 35.80 9.87
N ALA A 120 -12.73 34.57 9.45
CA ALA A 120 -13.19 33.51 10.34
C ALA A 120 -12.05 32.57 10.68
N PRO A 121 -12.07 32.01 11.91
CA PRO A 121 -11.08 30.98 12.22
C PRO A 121 -11.29 29.76 11.36
N ALA A 122 -10.17 29.09 11.03
CA ALA A 122 -10.14 27.82 10.35
C ALA A 122 -11.03 26.80 11.00
N LEU A 123 -10.88 26.64 12.32
CA LEU A 123 -11.70 25.66 13.06
C LEU A 123 -13.22 25.91 12.86
N ASP A 124 -13.58 27.19 12.84
CA ASP A 124 -14.98 27.57 12.70
C ASP A 124 -15.51 27.26 11.31
N ILE A 125 -14.66 27.38 10.30
CA ILE A 125 -15.03 27.07 8.94
C ILE A 125 -15.25 25.59 8.81
N LEU A 126 -14.38 24.80 9.43
CA LEU A 126 -14.49 23.34 9.34
C LEU A 126 -15.78 22.87 10.00
N LYS A 127 -16.10 23.43 11.16
CA LYS A 127 -17.38 23.11 11.81
C LYS A 127 -18.55 23.49 10.91
N ALA A 128 -18.52 24.65 10.25
CA ALA A 128 -19.65 25.01 9.40
C ALA A 128 -19.75 24.07 8.22
N LEU A 129 -18.63 23.57 7.78
CA LEU A 129 -18.63 22.68 6.68
C LEU A 129 -19.24 21.35 7.10
N VAL A 130 -18.85 20.84 8.26
CA VAL A 130 -19.42 19.62 8.76
C VAL A 130 -20.96 19.77 8.93
N ASP A 131 -21.38 20.91 9.44
CA ASP A 131 -22.77 21.14 9.61
C ASP A 131 -23.53 21.26 8.27
N ASN A 132 -22.96 21.91 7.26
CA ASN A 132 -23.70 22.02 5.97
C ASN A 132 -23.91 20.69 5.25
N LEU A 133 -22.92 19.85 5.36
CA LEU A 133 -22.93 18.52 4.78
C LEU A 133 -24.01 17.68 5.46
N TYR A 134 -24.11 17.78 6.77
CA TYR A 134 -25.26 17.19 7.47
C TYR A 134 -26.55 17.83 6.98
N VAL A 135 -26.66 19.14 7.07
CA VAL A 135 -27.94 19.76 6.65
C VAL A 135 -28.38 19.29 5.25
N GLU A 136 -27.43 19.25 4.32
CA GLU A 136 -27.72 18.87 2.93
C GLU A 136 -27.81 17.38 2.67
N ASN A 137 -27.32 16.57 3.60
CA ASN A 137 -27.06 15.19 3.37
C ASN A 137 -26.21 14.96 2.11
N HIS A 138 -25.06 15.62 2.12
CA HIS A 138 -24.08 15.51 1.07
C HIS A 138 -22.85 14.96 1.69
N TYR A 139 -21.99 14.39 0.82
CA TYR A 139 -20.67 13.93 1.15
C TYR A 139 -19.66 14.71 0.35
N LEU A 140 -18.48 14.93 0.92
CA LEU A 140 -17.41 15.67 0.26
C LEU A 140 -16.11 14.81 0.17
N LEU A 141 -15.59 14.70 -1.04
CA LEU A 141 -14.34 14.04 -1.30
C LEU A 141 -13.36 15.11 -1.73
N VAL A 142 -12.33 15.31 -0.89
CA VAL A 142 -11.35 16.40 -1.09
C VAL A 142 -10.01 15.84 -1.61
N ILE A 143 -9.53 16.43 -2.71
CA ILE A 143 -8.23 16.12 -3.28
C ILE A 143 -7.16 17.12 -2.77
N LEU A 144 -6.13 16.66 -2.08
CA LEU A 144 -5.02 17.51 -1.73
C LEU A 144 -3.77 17.15 -2.56
N ASP A 145 -3.52 17.98 -3.56
CA ASP A 145 -2.49 17.78 -4.57
C ASP A 145 -1.22 18.49 -4.12
N GLU A 146 -0.08 18.06 -4.65
CA GLU A 146 1.24 18.49 -4.16
C GLU A 146 1.31 18.44 -2.66
N PHE A 147 0.84 17.35 -2.08
CA PHE A 147 0.70 17.28 -0.65
C PHE A 147 2.06 17.29 0.11
N GLN A 148 3.17 16.91 -0.54
CA GLN A 148 4.49 16.98 0.12
C GLN A 148 4.90 18.39 0.54
N SER A 149 4.44 19.37 -0.22
CA SER A 149 4.80 20.71 0.09
C SER A 149 3.79 21.29 1.08
N MET A 150 2.82 20.50 1.58
CA MET A 150 2.06 20.82 2.83
C MET A 150 2.76 20.21 4.06
N LEU A 151 3.46 19.10 3.87
CA LEU A 151 4.12 18.49 5.01
C LEU A 151 5.33 19.26 5.55
N SER A 152 5.97 20.06 4.69
CA SER A 152 7.22 20.75 4.99
C SER A 152 6.99 22.24 5.27
N SER A 153 6.11 22.87 4.52
CA SER A 153 5.53 24.19 4.88
C SER A 153 5.51 24.45 6.39
N PRO A 154 6.25 25.46 6.88
CA PRO A 154 6.20 25.75 8.31
C PRO A 154 5.01 26.66 8.63
N ARG A 155 4.28 27.02 7.59
CA ARG A 155 3.07 27.81 7.72
C ARG A 155 1.84 26.90 7.98
N ILE A 156 2.10 25.59 8.15
CA ILE A 156 1.07 24.58 8.45
C ILE A 156 1.64 23.65 9.50
N ALA A 157 1.04 23.62 10.69
CA ALA A 157 1.51 22.77 11.79
C ALA A 157 0.88 21.37 11.80
N ALA A 158 1.55 20.46 12.50
CA ALA A 158 1.06 19.07 12.61
C ALA A 158 -0.40 19.04 13.03
N GLU A 159 -0.71 19.89 13.99
CA GLU A 159 -2.02 19.96 14.59
C GLU A 159 -3.08 20.49 13.60
N ASP A 160 -2.69 21.32 12.64
CA ASP A 160 -3.56 21.74 11.55
C ASP A 160 -3.86 20.57 10.61
N LEU A 161 -2.83 19.80 10.26
CA LEU A 161 -3.03 18.67 9.39
C LEU A 161 -3.92 17.65 10.08
N TYR A 162 -3.72 17.48 11.39
CA TYR A 162 -4.56 16.59 12.19
C TYR A 162 -5.99 17.06 12.21
N THR A 163 -6.21 18.34 12.46
CA THR A 163 -7.63 18.74 12.59
C THR A 163 -8.34 18.59 11.27
N LEU A 164 -7.68 18.90 10.17
CA LEU A 164 -8.27 18.57 8.84
C LEU A 164 -8.42 17.06 8.59
N LEU A 165 -7.34 16.33 8.71
CA LEU A 165 -7.37 14.95 8.20
C LEU A 165 -8.00 13.97 9.14
N ARG A 166 -8.13 14.31 10.41
CA ARG A 166 -9.01 13.58 11.30
C ARG A 166 -10.09 14.50 11.82
N VAL A 167 -10.72 15.24 10.90
CA VAL A 167 -11.96 15.95 11.17
C VAL A 167 -12.93 15.25 12.08
N HIS A 168 -13.25 14.01 11.73
CA HIS A 168 -14.33 13.26 12.39
C HIS A 168 -14.00 12.89 13.81
N GLU A 169 -12.72 12.82 14.17
CA GLU A 169 -12.40 12.61 15.59
C GLU A 169 -12.67 13.84 16.43
N GLU A 170 -12.63 15.04 15.83
CA GLU A 170 -12.62 16.32 16.60
C GLU A 170 -13.90 17.11 16.37
N ILE A 171 -14.48 16.94 15.18
CA ILE A 171 -15.76 17.58 14.84
C ILE A 171 -16.84 16.56 14.46
N PRO A 172 -17.43 15.93 15.48
CA PRO A 172 -18.59 15.04 15.28
C PRO A 172 -19.74 15.66 14.45
N SER A 173 -20.40 14.77 13.72
CA SER A 173 -21.57 15.04 12.90
C SER A 173 -22.81 15.03 13.80
N ARG A 174 -23.79 15.91 13.53
CA ARG A 174 -25.12 15.83 14.18
C ARG A 174 -25.71 14.41 14.23
N ASP A 175 -25.55 13.63 13.17
CA ASP A 175 -26.16 12.29 13.08
C ASP A 175 -25.16 11.12 13.13
N GLY A 176 -23.91 11.45 13.41
CA GLY A 176 -22.84 10.47 13.50
C GLY A 176 -22.24 10.04 12.17
N VAL A 177 -22.69 10.57 11.05
CA VAL A 177 -22.23 10.08 9.75
C VAL A 177 -21.07 10.96 9.29
N ASN A 178 -19.96 10.34 8.94
CA ASN A 178 -18.78 11.07 8.51
C ASN A 178 -18.94 11.42 7.05
N ARG A 179 -18.66 12.67 6.69
CA ARG A 179 -18.95 13.10 5.34
C ARG A 179 -17.82 13.73 4.56
N ILE A 180 -16.60 13.57 5.06
CA ILE A 180 -15.41 14.11 4.37
C ILE A 180 -14.33 13.04 4.25
N GLY A 181 -13.95 12.69 3.04
CA GLY A 181 -12.78 11.90 2.79
C GLY A 181 -11.74 12.69 2.07
N PHE A 182 -10.54 12.12 2.02
CA PHE A 182 -9.44 12.81 1.35
C PHE A 182 -8.65 11.89 0.43
N LEU A 183 -8.19 12.48 -0.68
CA LEU A 183 -7.29 11.81 -1.63
C LEU A 183 -6.04 12.67 -1.70
N LEU A 184 -4.94 12.17 -1.10
CA LEU A 184 -3.66 12.85 -1.11
C LEU A 184 -2.92 12.41 -2.34
N VAL A 185 -2.37 13.43 -3.01
CA VAL A 185 -1.52 13.27 -4.15
C VAL A 185 -0.17 13.90 -3.84
N ALA A 186 0.89 13.08 -3.74
CA ALA A 186 2.25 13.58 -3.44
C ALA A 186 3.22 13.25 -4.57
N SER A 187 4.36 13.94 -4.58
CA SER A 187 5.26 13.77 -5.71
C SER A 187 5.95 12.46 -5.68
N ASP A 188 6.19 11.92 -4.48
CA ASP A 188 6.81 10.62 -4.35
C ASP A 188 6.76 10.11 -2.92
N VAL A 189 7.31 8.92 -2.70
CA VAL A 189 7.16 8.16 -1.48
C VAL A 189 7.80 8.87 -0.31
N ARG A 190 8.71 9.81 -0.57
CA ARG A 190 9.30 10.63 0.51
C ARG A 190 8.22 11.32 1.34
N ALA A 191 7.10 11.65 0.72
CA ALA A 191 5.98 12.23 1.46
C ALA A 191 5.56 11.38 2.63
N LEU A 192 5.67 10.07 2.52
CA LEU A 192 5.23 9.17 3.60
C LEU A 192 6.16 9.24 4.83
N SER A 193 7.46 9.37 4.63
CA SER A 193 8.36 9.57 5.77
C SER A 193 7.96 10.81 6.53
N TYR A 194 7.91 11.92 5.79
CA TYR A 194 7.50 13.22 6.35
C TYR A 194 6.25 13.03 7.20
N MET A 195 5.23 12.42 6.60
CA MET A 195 3.98 12.12 7.29
C MET A 195 4.08 11.30 8.53
N ARG A 196 4.83 10.21 8.50
CA ARG A 196 5.14 9.45 9.73
C ARG A 196 5.86 10.33 10.79
N GLU A 197 6.68 11.31 10.33
CA GLU A 197 7.33 12.28 11.25
C GLU A 197 6.29 13.24 11.83
N LYS A 198 5.50 13.84 10.95
CA LYS A 198 4.61 14.93 11.36
C LYS A 198 3.27 14.44 11.86
N ILE A 199 2.64 13.53 11.13
CA ILE A 199 1.31 13.11 11.48
C ILE A 199 1.16 11.59 11.42
N PRO A 200 1.89 10.88 12.29
CA PRO A 200 1.85 9.42 12.21
C PRO A 200 0.46 8.86 12.50
N GLN A 201 -0.36 9.57 13.25
CA GLN A 201 -1.69 9.08 13.60
C GLN A 201 -2.60 9.03 12.35
N VAL A 202 -2.32 9.83 11.32
CA VAL A 202 -3.06 9.67 10.09
C VAL A 202 -2.39 8.69 9.16
N GLU A 203 -1.06 8.73 9.12
CA GLU A 203 -0.31 7.91 8.16
C GLU A 203 -0.55 6.37 8.36
N SER A 204 -0.59 5.95 9.62
CA SER A 204 -0.66 4.52 9.96
C SER A 204 -2.02 3.95 9.56
N GLN A 205 -2.92 4.83 9.16
CA GLN A 205 -4.34 4.58 8.94
C GLN A 205 -4.80 4.82 7.46
N ILE A 206 -3.85 5.04 6.55
CA ILE A 206 -4.20 5.23 5.16
C ILE A 206 -4.72 3.96 4.52
N GLY A 207 -5.87 4.05 3.87
CA GLY A 207 -6.54 2.85 3.33
C GLY A 207 -5.82 2.21 2.13
N PHE A 208 -5.35 3.03 1.22
CA PHE A 208 -4.78 2.57 -0.04
C PHE A 208 -3.66 3.55 -0.40
N LYS A 209 -2.47 3.03 -0.63
CA LYS A 209 -1.33 3.79 -1.10
C LYS A 209 -0.96 3.22 -2.46
N LEU A 210 -1.06 4.07 -3.49
CA LEU A 210 -0.78 3.68 -4.84
C LEU A 210 0.36 4.48 -5.47
N HIS A 211 1.32 3.71 -5.93
CA HIS A 211 2.49 4.23 -6.63
C HIS A 211 2.21 4.12 -8.09
N LEU A 212 2.41 5.21 -8.79
CA LEU A 212 2.17 5.22 -10.22
C LEU A 212 3.57 5.21 -10.95
N PRO A 213 3.81 4.28 -11.86
CA PRO A 213 5.03 4.32 -12.70
C PRO A 213 4.96 5.30 -13.86
N ALA A 214 6.12 5.72 -14.38
CA ALA A 214 6.16 6.64 -15.54
C ALA A 214 5.59 5.88 -16.71
N TYR A 215 4.97 6.59 -17.66
CA TYR A 215 4.40 5.99 -18.86
C TYR A 215 5.39 5.39 -19.83
N LYS A 216 5.04 4.20 -20.33
CA LYS A 216 5.85 3.55 -21.38
C LYS A 216 5.36 4.09 -22.73
N SER A 217 6.13 3.78 -23.78
CA SER A 217 5.84 4.33 -25.12
C SER A 217 4.45 3.97 -25.65
N ARG A 218 4.05 2.72 -25.52
CA ARG A 218 2.70 2.27 -25.84
C ARG A 218 1.56 2.98 -25.05
N GLU A 219 1.87 3.38 -23.83
CA GLU A 219 0.90 4.11 -23.01
C GLU A 219 0.82 5.54 -23.50
N LEU A 220 1.98 6.15 -23.78
CA LEU A 220 1.97 7.51 -24.35
C LEU A 220 1.27 7.57 -25.70
N TYR A 221 1.49 6.54 -26.51
CA TYR A 221 0.73 6.40 -27.74
C TYR A 221 -0.77 6.42 -27.47
N THR A 222 -1.25 5.52 -26.62
CA THR A 222 -2.65 5.46 -26.32
C THR A 222 -3.18 6.84 -25.84
N ILE A 223 -2.42 7.54 -25.04
CA ILE A 223 -2.82 8.88 -24.55
C ILE A 223 -2.87 9.91 -25.65
N LEU A 224 -1.89 9.91 -26.55
CA LEU A 224 -1.83 10.86 -27.66
C LEU A 224 -2.93 10.59 -28.68
N GLU A 225 -3.06 9.32 -29.04
CA GLU A 225 -4.11 8.88 -29.93
C GLU A 225 -5.50 9.43 -29.49
N GLN A 226 -5.78 9.40 -28.20
CA GLN A 226 -7.12 9.75 -27.70
C GLN A 226 -7.31 11.28 -27.81
N ARG A 227 -6.22 12.00 -27.55
CA ARG A 227 -6.23 13.45 -27.71
C ARG A 227 -6.38 13.83 -29.19
N ALA A 228 -5.68 13.08 -30.05
CA ALA A 228 -5.85 13.26 -31.47
C ALA A 228 -7.28 13.04 -31.83
N GLU A 229 -7.86 11.87 -31.53
CA GLU A 229 -9.29 11.58 -31.87
C GLU A 229 -10.27 12.65 -31.39
N LEU A 230 -10.07 13.13 -30.16
CA LEU A 230 -10.99 14.07 -29.52
C LEU A 230 -10.81 15.51 -29.96
N GLY A 231 -9.59 15.87 -30.33
CA GLY A 231 -9.25 17.29 -30.49
C GLY A 231 -8.65 17.76 -31.81
N LEU A 232 -8.24 16.80 -32.66
CA LEU A 232 -7.85 17.11 -34.02
C LEU A 232 -8.80 16.53 -35.07
N ARG A 233 -8.92 17.22 -36.20
CA ARG A 233 -9.54 16.72 -37.43
C ARG A 233 -8.93 15.37 -37.90
N ASP A 234 -9.76 14.50 -38.45
CA ASP A 234 -9.40 13.09 -38.66
C ASP A 234 -8.32 12.88 -39.74
N THR A 235 -8.28 13.78 -40.73
CA THR A 235 -7.31 13.67 -41.86
C THR A 235 -5.95 14.33 -41.60
N VAL A 236 -5.70 14.72 -40.35
CA VAL A 236 -4.69 15.71 -40.01
C VAL A 236 -3.45 15.01 -39.43
N TRP A 237 -3.71 13.87 -38.77
CA TRP A 237 -2.68 13.03 -38.15
C TRP A 237 -2.76 11.60 -38.69
N GLU A 238 -1.63 10.92 -38.65
CA GLU A 238 -1.53 9.49 -38.79
C GLU A 238 -0.81 8.94 -37.56
N PRO A 239 -0.98 7.61 -37.29
CA PRO A 239 -0.32 7.05 -36.11
C PRO A 239 1.19 7.26 -36.08
N ARG A 240 1.82 7.20 -37.26
CA ARG A 240 3.27 7.43 -37.37
C ARG A 240 3.70 8.73 -36.71
N HIS A 241 2.87 9.77 -36.78
CA HIS A 241 3.23 11.07 -36.25
C HIS A 241 3.23 11.03 -34.75
N LEU A 242 2.32 10.24 -34.19
CA LEU A 242 2.20 10.14 -32.76
C LEU A 242 3.36 9.32 -32.22
N GLU A 243 3.72 8.25 -32.92
CA GLU A 243 4.85 7.36 -32.57
C GLU A 243 6.20 8.07 -32.45
N LEU A 244 6.41 9.09 -33.24
CA LEU A 244 7.62 9.93 -33.10
C LEU A 244 7.72 10.58 -31.70
N ILE A 245 6.62 10.89 -31.03
CA ILE A 245 6.71 11.51 -29.71
C ILE A 245 6.81 10.41 -28.68
N SER A 246 5.87 9.46 -28.75
CA SER A 246 5.86 8.34 -27.80
C SER A 246 7.16 7.53 -27.80
N ASP A 247 7.77 7.30 -28.94
CA ASP A 247 9.08 6.59 -29.05
C ASP A 247 10.29 7.29 -28.37
N VAL A 248 10.19 8.59 -28.13
CA VAL A 248 11.27 9.35 -27.53
C VAL A 248 11.00 9.57 -26.05
N TYR A 249 9.75 9.78 -25.67
CA TYR A 249 9.40 10.06 -24.29
C TYR A 249 9.02 8.79 -23.45
N GLY A 250 8.72 7.68 -24.10
CA GLY A 250 8.44 6.41 -23.40
C GLY A 250 9.58 6.08 -22.49
N GLU A 251 9.29 5.63 -21.29
CA GLU A 251 10.34 5.41 -20.34
C GLU A 251 11.14 4.12 -20.67
N ASP A 252 10.51 3.18 -21.35
CA ASP A 252 11.20 2.01 -21.95
C ASP A 252 12.20 2.33 -23.08
N LYS A 253 12.16 3.55 -23.61
CA LYS A 253 13.07 4.00 -24.67
C LYS A 253 13.97 5.14 -24.16
N GLY A 254 14.08 5.31 -22.86
CA GLY A 254 15.11 6.19 -22.29
C GLY A 254 14.61 7.57 -21.88
N GLY A 255 13.30 7.78 -21.97
CA GLY A 255 12.70 9.03 -21.56
C GLY A 255 12.07 9.02 -20.18
N ASP A 256 11.68 10.23 -19.80
CA ASP A 256 10.78 10.66 -18.72
C ASP A 256 9.52 9.89 -18.39
N GLY A 257 8.83 9.39 -19.40
CA GLY A 257 7.47 8.92 -19.23
C GLY A 257 6.40 9.97 -18.96
N SER A 258 6.69 11.21 -19.35
CA SER A 258 5.82 12.32 -19.09
C SER A 258 4.77 12.47 -20.17
N ALA A 259 3.47 12.33 -19.78
CA ALA A 259 2.36 12.54 -20.70
C ALA A 259 2.17 14.03 -20.98
N ARG A 260 2.58 14.88 -20.05
CA ARG A 260 2.51 16.29 -20.26
C ARG A 260 3.49 16.72 -21.35
N ARG A 261 4.74 16.25 -21.28
CA ARG A 261 5.73 16.57 -22.36
C ARG A 261 5.18 16.03 -23.67
N ALA A 262 4.62 14.82 -23.68
CA ALA A 262 4.09 14.21 -24.92
C ALA A 262 2.94 15.00 -25.58
N ILE A 263 1.99 15.46 -24.75
CA ILE A 263 0.82 16.20 -25.28
C ILE A 263 1.23 17.64 -25.74
N VAL A 264 2.08 18.27 -24.98
CA VAL A 264 2.65 19.57 -25.30
C VAL A 264 3.39 19.55 -26.64
N ALA A 265 4.16 18.49 -26.87
CA ALA A 265 4.84 18.30 -28.13
C ALA A 265 3.87 18.20 -29.29
N LEU A 266 2.86 17.35 -29.13
CA LEU A 266 1.84 17.18 -30.15
C LEU A 266 1.10 18.50 -30.42
N LYS A 267 0.72 19.17 -29.36
CA LYS A 267 0.13 20.51 -29.47
C LYS A 267 1.01 21.48 -30.30
N MET A 268 2.27 21.58 -29.93
CA MET A 268 3.23 22.47 -30.57
C MET A 268 3.39 22.19 -32.08
N ALA A 269 3.51 20.92 -32.44
CA ALA A 269 3.61 20.54 -33.84
C ALA A 269 2.36 20.98 -34.62
N CYS A 270 1.20 20.84 -34.00
CA CYS A 270 -0.09 21.24 -34.62
C CYS A 270 -0.16 22.73 -34.86
N GLU A 271 0.35 23.49 -33.92
CA GLU A 271 0.33 24.92 -34.10
C GLU A 271 1.50 25.42 -34.92
N MET A 272 2.50 24.59 -35.19
CA MET A 272 3.50 24.98 -36.20
C MET A 272 2.93 24.77 -37.62
N ALA A 273 2.15 23.71 -37.79
CA ALA A 273 1.56 23.38 -39.09
C ALA A 273 0.55 24.46 -39.51
N GLU A 274 -0.21 24.89 -38.51
CA GLU A 274 -1.21 25.91 -38.65
C GLU A 274 -0.61 27.25 -39.12
N ALA A 275 0.46 27.69 -38.45
CA ALA A 275 1.15 28.93 -38.85
C ALA A 275 1.68 28.83 -40.28
N MET A 276 1.97 27.63 -40.73
CA MET A 276 2.39 27.43 -42.12
C MET A 276 1.22 27.35 -43.13
N GLY A 277 -0.01 27.27 -42.62
CA GLY A 277 -1.20 27.04 -43.42
C GLY A 277 -1.26 25.64 -44.01
N ARG A 278 -0.66 24.70 -43.34
CA ARG A 278 -0.56 23.33 -43.79
C ARG A 278 -1.84 22.51 -43.43
N ASP A 279 -2.10 21.47 -44.22
CA ASP A 279 -3.36 20.72 -44.11
C ASP A 279 -3.31 19.64 -43.02
N SER A 280 -2.11 19.22 -42.67
CA SER A 280 -1.88 18.12 -41.75
C SER A 280 -0.54 18.28 -41.05
N LEU A 281 -0.25 17.36 -40.15
CA LEU A 281 1.09 17.23 -39.58
C LEU A 281 2.05 16.66 -40.61
N SER A 282 3.34 16.83 -40.38
CA SER A 282 4.38 16.20 -41.19
C SER A 282 5.32 15.71 -40.15
N GLU A 283 6.04 14.65 -40.46
CA GLU A 283 6.95 14.08 -39.47
C GLU A 283 7.96 15.06 -38.98
N ASP A 284 8.49 15.87 -39.89
CA ASP A 284 9.41 16.97 -39.61
C ASP A 284 8.92 17.90 -38.52
N LEU A 285 7.66 18.33 -38.62
CA LEU A 285 7.12 19.26 -37.63
C LEU A 285 7.06 18.64 -36.24
N VAL A 286 6.73 17.35 -36.18
CA VAL A 286 6.62 16.64 -34.91
C VAL A 286 8.02 16.50 -34.32
N ARG A 287 8.99 16.09 -35.13
CA ARG A 287 10.36 15.97 -34.64
C ARG A 287 10.88 17.34 -34.23
N LYS A 288 10.46 18.39 -34.91
CA LYS A 288 10.86 19.72 -34.49
C LYS A 288 10.35 20.06 -33.08
N ALA A 289 9.09 19.70 -32.85
CA ALA A 289 8.43 19.92 -31.58
C ALA A 289 9.05 19.10 -30.51
N VAL A 290 9.20 17.81 -30.73
CA VAL A 290 9.89 16.95 -29.78
C VAL A 290 11.25 17.54 -29.38
N SER A 291 11.90 18.18 -30.35
CA SER A 291 13.25 18.66 -30.19
C SER A 291 13.33 19.99 -29.42
N GLU A 292 12.44 20.97 -29.69
CA GLU A 292 12.47 22.17 -28.86
C GLU A 292 11.66 22.11 -27.60
N ASN A 293 11.04 20.98 -27.33
CA ASN A 293 10.22 20.95 -26.16
C ASN A 293 11.06 21.38 -24.95
N THR A 300 14.91 12.25 -13.29
CA THR A 300 15.94 13.26 -13.10
C THR A 300 15.28 14.66 -13.09
N HIS A 301 15.49 15.36 -11.98
CA HIS A 301 14.68 16.50 -11.54
C HIS A 301 15.47 17.10 -10.37
N GLU A 302 15.45 16.43 -9.22
CA GLU A 302 16.30 16.77 -8.08
C GLU A 302 17.62 15.95 -8.12
N LEU A 303 17.80 15.19 -9.20
CA LEU A 303 19.09 14.65 -9.62
C LEU A 303 19.73 15.50 -10.72
N GLU A 304 18.90 16.23 -11.45
CA GLU A 304 19.32 16.97 -12.64
C GLU A 304 20.06 18.29 -12.30
N ALA A 305 19.94 18.74 -11.05
CA ALA A 305 20.61 19.94 -10.55
C ALA A 305 21.91 19.63 -9.79
N LEU A 306 22.08 18.38 -9.37
CA LEU A 306 23.25 17.97 -8.59
C LEU A 306 24.56 18.21 -9.34
N SER A 307 25.65 18.37 -8.58
CA SER A 307 27.00 18.48 -9.14
C SER A 307 27.48 17.07 -9.44
N ILE A 308 28.21 16.91 -10.54
CA ILE A 308 28.92 15.67 -10.86
C ILE A 308 29.48 15.00 -9.60
N HIS A 309 29.95 15.79 -8.65
CA HIS A 309 30.51 15.28 -7.39
C HIS A 309 29.43 14.61 -6.53
N GLU A 310 28.25 15.25 -6.45
CA GLU A 310 27.06 14.65 -5.81
C GLU A 310 26.53 13.45 -6.62
N LEU A 311 26.44 13.58 -7.95
CA LEU A 311 26.07 12.48 -8.84
C LEU A 311 27.06 11.31 -8.70
N ILE A 312 28.34 11.62 -8.87
CA ILE A 312 29.41 10.61 -8.74
C ILE A 312 29.36 9.93 -7.37
N ILE A 313 29.18 10.74 -6.30
CA ILE A 313 29.11 10.20 -4.93
C ILE A 313 27.87 9.33 -4.72
N LEU A 314 26.69 9.85 -5.07
CA LEU A 314 25.44 9.09 -4.98
C LEU A 314 25.45 7.78 -5.80
N ARG A 315 26.18 7.76 -6.91
CA ARG A 315 26.29 6.59 -7.77
C ARG A 315 26.97 5.41 -7.04
N LEU A 316 28.12 5.73 -6.46
CA LEU A 316 28.92 4.80 -5.67
C LEU A 316 28.18 4.24 -4.45
N ILE A 317 27.30 5.06 -3.86
CA ILE A 317 26.42 4.63 -2.76
C ILE A 317 25.45 3.55 -3.22
N ALA A 318 24.88 3.74 -4.40
CA ALA A 318 23.95 2.77 -4.96
C ALA A 318 24.60 1.43 -5.32
N GLU A 319 25.88 1.47 -5.72
CA GLU A 319 26.66 0.24 -6.00
C GLU A 319 26.91 -0.64 -4.77
N ALA A 320 27.16 -0.02 -3.63
CA ALA A 320 27.28 -0.74 -2.36
C ALA A 320 25.95 -1.41 -2.02
N THR A 321 24.91 -0.60 -2.17
CA THR A 321 23.51 -0.98 -2.03
C THR A 321 23.12 -2.09 -3.03
N LEU A 322 23.69 -1.99 -4.24
CA LEU A 322 23.44 -2.95 -5.32
C LEU A 322 24.17 -4.29 -5.11
N GLY A 323 25.26 -4.29 -4.36
CA GLY A 323 26.06 -5.49 -4.17
C GLY A 323 26.32 -5.79 -2.71
N GLY A 324 25.26 -6.05 -1.96
CA GLY A 324 25.35 -6.50 -0.55
C GLY A 324 25.18 -5.41 0.52
N MET A 325 26.11 -4.46 0.55
CA MET A 325 26.18 -3.45 1.62
C MET A 325 24.88 -2.69 1.89
N GLU A 326 24.37 -2.79 3.13
CA GLU A 326 23.33 -1.89 3.64
C GLU A 326 24.02 -1.04 4.70
N TRP A 327 24.37 0.18 4.29
CA TRP A 327 25.14 1.16 5.10
C TRP A 327 26.64 1.10 4.80
N ILE A 328 27.13 2.15 4.15
CA ILE A 328 28.56 2.40 3.98
C ILE A 328 29.01 3.45 5.02
N ASN A 329 30.21 3.28 5.53
CA ASN A 329 30.84 4.31 6.37
C ASN A 329 31.45 5.44 5.53
N ALA A 330 31.82 6.52 6.20
CA ALA A 330 32.26 7.74 5.51
C ALA A 330 33.66 7.59 4.88
N GLY A 331 34.67 7.26 5.68
CA GLY A 331 36.01 6.99 5.17
C GLY A 331 36.04 6.11 3.90
N LEU A 332 35.33 4.97 3.92
CA LEU A 332 35.32 4.09 2.76
C LEU A 332 34.75 4.74 1.48
N LEU A 333 33.56 5.34 1.59
CA LEU A 333 32.92 6.04 0.46
C LEU A 333 33.83 7.18 -0.04
N ARG A 334 34.51 7.80 0.91
CA ARG A 334 35.48 8.86 0.66
C ARG A 334 36.61 8.48 -0.34
N GLN A 335 37.42 7.46 0.01
CA GLN A 335 38.49 6.93 -0.87
C GLN A 335 37.93 6.40 -2.20
N ARG A 336 36.77 5.73 -2.15
CA ARG A 336 36.10 5.26 -3.39
C ARG A 336 35.76 6.43 -4.33
N TYR A 337 35.12 7.48 -3.80
CA TYR A 337 34.85 8.69 -4.56
C TYR A 337 36.12 9.30 -5.10
N GLU A 338 37.22 9.21 -4.36
CA GLU A 338 38.49 9.76 -4.79
C GLU A 338 39.02 8.97 -5.97
N ASP A 339 39.06 7.65 -5.79
CA ASP A 339 39.55 6.69 -6.79
C ASP A 339 38.84 6.88 -8.13
N ALA A 340 37.51 6.95 -8.09
CA ALA A 340 36.67 7.05 -9.28
C ALA A 340 36.70 8.42 -9.93
N SER A 341 36.66 9.46 -9.10
CA SER A 341 36.52 10.85 -9.55
C SER A 341 37.59 11.26 -10.57
N LEU A 342 38.86 11.09 -10.21
CA LEU A 342 39.95 11.49 -11.13
C LEU A 342 40.21 10.43 -12.22
N THR A 343 40.16 9.15 -11.86
CA THR A 343 40.48 8.03 -12.80
C THR A 343 39.39 7.70 -13.82
N MET A 344 38.13 7.93 -13.45
CA MET A 344 36.97 7.46 -14.22
C MET A 344 36.07 8.59 -14.78
N TYR A 345 36.10 9.76 -14.16
CA TYR A 345 35.25 10.88 -14.59
C TYR A 345 36.09 12.12 -14.86
N ASN A 346 37.40 11.94 -14.94
CA ASN A 346 38.38 13.03 -15.10
C ASN A 346 37.94 14.39 -14.57
N VAL A 347 37.57 14.38 -13.28
CA VAL A 347 37.32 15.57 -12.47
C VAL A 347 38.13 15.41 -11.16
N LYS A 348 38.58 16.55 -10.62
CA LYS A 348 39.53 16.56 -9.48
C LYS A 348 38.81 16.48 -8.13
N PRO A 349 39.01 15.37 -7.37
CA PRO A 349 38.21 15.07 -6.18
C PRO A 349 38.38 16.10 -5.05
N ARG A 350 37.23 16.60 -4.59
CA ARG A 350 37.16 17.69 -3.62
C ARG A 350 37.58 17.29 -2.19
N GLY A 351 37.79 18.31 -1.37
CA GLY A 351 38.27 18.12 -0.02
C GLY A 351 37.25 17.54 0.94
N TYR A 352 37.69 17.34 2.17
CA TYR A 352 36.96 16.55 3.19
C TYR A 352 35.60 17.20 3.62
N THR A 353 35.63 18.43 4.13
CA THR A 353 34.40 19.12 4.54
C THR A 353 33.46 19.30 3.35
N GLN A 354 34.01 19.51 2.16
CA GLN A 354 33.20 19.68 0.94
C GLN A 354 32.43 18.39 0.57
N TYR A 355 33.13 17.26 0.63
CA TYR A 355 32.50 15.92 0.50
C TYR A 355 31.35 15.74 1.48
N HIS A 356 31.55 16.16 2.73
CA HIS A 356 30.54 15.96 3.78
C HIS A 356 29.38 16.95 3.68
N ILE A 357 29.61 18.05 2.97
CA ILE A 357 28.55 18.94 2.57
C ILE A 357 27.72 18.28 1.45
N TYR A 358 28.36 17.64 0.46
CA TYR A 358 27.59 16.91 -0.54
C TYR A 358 26.70 15.85 0.15
N LEU A 359 27.31 15.10 1.07
CA LEU A 359 26.61 14.05 1.83
C LEU A 359 25.43 14.58 2.67
N LYS A 360 25.55 15.79 3.22
CA LYS A 360 24.42 16.44 3.91
C LYS A 360 23.30 16.84 2.93
N HIS A 361 23.69 17.25 1.73
CA HIS A 361 22.74 17.71 0.71
C HIS A 361 21.84 16.58 0.16
N LEU A 362 22.43 15.40 -0.04
CA LEU A 362 21.69 14.24 -0.54
C LEU A 362 20.75 13.62 0.53
N THR A 363 21.09 13.78 1.81
CA THR A 363 20.21 13.34 2.91
C THR A 363 19.05 14.31 3.11
N SER A 364 19.33 15.62 3.05
CA SER A 364 18.26 16.63 3.05
C SER A 364 17.30 16.39 1.87
N LEU A 365 17.82 15.68 0.86
CA LEU A 365 17.08 15.33 -0.34
C LEU A 365 16.28 14.00 -0.28
N GLY A 366 16.47 13.20 0.76
CA GLY A 366 15.86 11.85 0.79
C GLY A 366 16.35 10.91 -0.32
N LEU A 367 17.38 11.33 -1.05
CA LEU A 367 18.14 10.48 -1.96
C LEU A 367 19.14 9.57 -1.20
N VAL A 368 19.59 10.03 -0.03
CA VAL A 368 20.43 9.22 0.87
C VAL A 368 19.92 9.39 2.30
N ASP A 369 19.99 8.33 3.09
CA ASP A 369 19.65 8.42 4.51
C ASP A 369 20.93 8.33 5.36
N ALA A 370 20.94 9.06 6.47
CA ALA A 370 22.06 9.05 7.41
C ALA A 370 21.74 8.12 8.62
N LYS A 371 22.81 7.66 9.28
CA LYS A 371 22.69 7.02 10.59
C LYS A 371 23.88 7.51 11.48
N PRO A 372 23.64 8.55 12.31
CA PRO A 372 24.58 9.19 13.28
C PRO A 372 25.67 8.34 13.99
N SER A 373 25.36 7.60 15.07
CA SER A 373 26.41 6.95 15.91
C SER A 373 26.48 5.41 15.77
N THR A 381 32.38 8.69 10.31
CA THR A 381 31.55 9.44 11.28
C THR A 381 30.02 9.00 11.29
N THR A 382 29.27 9.38 10.24
CA THR A 382 27.87 9.00 10.03
C THR A 382 27.82 7.84 9.02
N LEU A 383 26.75 7.03 9.08
CA LEU A 383 26.54 5.89 8.14
C LEU A 383 25.49 6.19 7.06
N PHE A 384 25.76 5.70 5.84
CA PHE A 384 24.96 6.05 4.66
C PHE A 384 24.57 4.81 3.82
N ARG A 385 23.31 4.78 3.39
CA ARG A 385 22.84 3.81 2.40
C ARG A 385 21.96 4.57 1.41
N LEU A 386 21.74 3.96 0.25
CA LEU A 386 20.88 4.56 -0.78
C LEU A 386 19.46 4.62 -0.22
N ALA A 387 18.75 5.72 -0.49
CA ALA A 387 17.37 5.82 -0.03
C ALA A 387 16.57 4.62 -0.55
N PRO A 388 16.00 3.81 0.38
CA PRO A 388 15.21 2.60 0.14
C PRO A 388 14.35 2.56 -1.14
N HIS A 389 13.77 3.71 -1.50
CA HIS A 389 12.79 3.81 -2.57
C HIS A 389 13.39 3.95 -3.94
N LEU A 390 14.71 4.06 -4.01
CA LEU A 390 15.40 4.18 -5.28
C LEU A 390 15.94 2.81 -5.67
N PRO A 391 15.51 2.29 -6.86
CA PRO A 391 16.19 1.13 -7.44
C PRO A 391 17.59 1.48 -7.95
N ALA A 392 18.60 0.78 -7.44
CA ALA A 392 20.00 1.09 -7.72
C ALA A 392 20.44 0.86 -9.18
N ASP A 393 20.25 -0.36 -9.67
CA ASP A 393 20.65 -0.70 -11.04
C ASP A 393 20.13 0.29 -12.06
N ARG A 394 18.88 0.73 -11.90
CA ARG A 394 18.24 1.64 -12.86
C ARG A 394 18.41 3.14 -12.52
N LEU A 395 18.65 3.46 -11.26
CA LEU A 395 19.05 4.82 -10.89
C LEU A 395 20.43 5.08 -11.46
N ILE A 396 21.38 4.21 -11.12
CA ILE A 396 22.73 4.21 -11.69
C ILE A 396 22.69 4.43 -13.22
N GLU A 397 21.74 3.77 -13.90
CA GLU A 397 21.59 3.94 -15.35
C GLU A 397 21.20 5.38 -15.69
N VAL A 398 20.32 5.95 -14.87
CA VAL A 398 19.88 7.35 -15.01
C VAL A 398 21.04 8.29 -14.64
N VAL A 399 21.58 8.08 -13.45
CA VAL A 399 22.70 8.90 -12.94
C VAL A 399 23.86 8.94 -13.94
N ASP A 400 23.92 7.97 -14.86
CA ASP A 400 24.98 7.90 -15.89
C ASP A 400 24.70 8.73 -17.16
N ASN A 401 23.43 8.95 -17.51
CA ASN A 401 23.09 9.88 -18.61
C ASN A 401 23.35 11.32 -18.18
N ILE A 402 22.87 11.64 -16.98
CA ILE A 402 23.02 12.98 -16.40
C ILE A 402 24.50 13.23 -16.11
N ILE A 403 25.23 12.19 -15.71
CA ILE A 403 26.68 12.28 -15.46
C ILE A 403 27.49 12.54 -16.74
N GLN A 404 26.93 12.10 -17.87
CA GLN A 404 27.57 12.24 -19.18
C GLN A 404 27.17 13.57 -19.87
N ALA A 405 26.00 14.11 -19.52
CA ALA A 405 25.63 15.46 -19.95
C ALA A 405 26.56 16.53 -19.32
N LYS A 406 27.15 16.21 -18.18
CA LYS A 406 28.08 17.11 -17.48
C LYS A 406 29.54 16.91 -17.88
N MET A 407 29.94 15.66 -18.16
CA MET A 407 31.29 15.35 -18.64
C MET A 407 31.54 16.09 -19.97
N ALA A 408 30.63 15.93 -20.93
CA ALA A 408 30.63 16.74 -22.18
C ALA A 408 29.65 17.93 -22.09
N SER A 409 30.19 19.15 -22.16
CA SER A 409 29.42 20.39 -22.00
C SER A 409 29.78 21.39 -23.13
N GLY B 7 -29.32 -34.16 5.75
CA GLY B 7 -28.88 -33.02 4.88
C GLY B 7 -29.64 -31.72 5.10
N LEU B 8 -28.94 -30.69 5.51
CA LEU B 8 -29.32 -29.33 5.13
C LEU B 8 -28.50 -28.99 3.90
N PHE B 9 -27.24 -29.39 3.96
CA PHE B 9 -26.26 -29.10 2.95
C PHE B 9 -26.67 -29.63 1.58
N LYS B 10 -26.16 -29.01 0.53
CA LYS B 10 -26.18 -29.61 -0.81
C LYS B 10 -24.75 -29.67 -1.33
N ASP B 11 -23.83 -28.92 -0.70
CA ASP B 11 -22.38 -29.02 -0.98
C ASP B 11 -21.59 -28.46 0.19
N ARG B 12 -21.28 -29.36 1.13
CA ARG B 12 -20.55 -29.02 2.33
C ARG B 12 -19.19 -28.41 2.15
N ARG B 13 -18.51 -28.69 1.02
CA ARG B 13 -17.22 -28.06 0.75
C ARG B 13 -17.30 -26.56 0.86
N VAL B 14 -18.48 -26.03 0.58
CA VAL B 14 -18.72 -24.60 0.57
C VAL B 14 -18.37 -23.96 1.93
N PHE B 15 -18.44 -24.78 2.98
CA PHE B 15 -18.13 -24.34 4.31
C PHE B 15 -16.75 -24.67 4.87
N ASP B 16 -15.87 -25.29 4.06
CA ASP B 16 -14.46 -25.52 4.45
C ASP B 16 -13.67 -24.23 4.51
N GLU B 17 -12.63 -24.23 5.34
CA GLU B 17 -11.79 -23.01 5.56
C GLU B 17 -11.00 -22.60 4.30
N ASN B 18 -10.84 -23.49 3.32
CA ASN B 18 -10.06 -23.21 2.10
C ASN B 18 -10.92 -22.77 0.93
N TYR B 19 -12.23 -23.04 0.98
CA TYR B 19 -13.16 -22.74 -0.13
C TYR B 19 -13.19 -21.26 -0.50
N ILE B 20 -12.97 -21.00 -1.79
CA ILE B 20 -13.11 -19.70 -2.39
C ILE B 20 -14.34 -19.83 -3.26
N PRO B 21 -15.32 -18.89 -3.15
CA PRO B 21 -16.41 -18.98 -4.11
C PRO B 21 -15.93 -18.57 -5.53
N PRO B 22 -16.77 -18.83 -6.54
CA PRO B 22 -16.44 -18.48 -7.92
C PRO B 22 -16.46 -16.96 -8.20
N GLU B 23 -17.28 -16.21 -7.47
CA GLU B 23 -17.28 -14.76 -7.54
C GLU B 23 -17.29 -14.27 -6.14
N LEU B 24 -16.64 -13.13 -5.96
CA LEU B 24 -16.69 -12.34 -4.76
C LEU B 24 -17.85 -11.41 -4.91
N ARG B 25 -18.64 -11.27 -3.84
CA ARG B 25 -19.71 -10.36 -3.80
C ARG B 25 -19.43 -9.21 -2.83
N VAL B 26 -18.33 -9.26 -2.09
CA VAL B 26 -17.99 -8.15 -1.23
C VAL B 26 -16.68 -7.49 -1.57
N ARG B 27 -15.65 -8.22 -1.91
CA ARG B 27 -14.41 -7.47 -2.25
C ARG B 27 -14.21 -7.41 -3.79
N ARG B 28 -15.31 -7.70 -4.51
CA ARG B 28 -15.32 -8.15 -5.94
C ARG B 28 -14.71 -7.17 -6.89
N GLY B 29 -15.03 -5.91 -6.57
CA GLY B 29 -14.67 -4.77 -7.35
C GLY B 29 -13.20 -4.55 -7.12
N GLU B 30 -12.80 -4.53 -5.87
CA GLU B 30 -11.38 -4.39 -5.46
C GLU B 30 -10.47 -5.59 -5.77
N ALA B 31 -11.02 -6.58 -6.43
CA ALA B 31 -10.29 -7.70 -6.93
C ALA B 31 -10.11 -7.57 -8.46
N GLU B 32 -11.26 -7.40 -9.18
CA GLU B 32 -11.29 -7.20 -10.67
C GLU B 32 -10.42 -6.02 -11.08
N ALA B 33 -10.34 -5.07 -10.17
CA ALA B 33 -9.58 -3.87 -10.34
C ALA B 33 -8.08 -4.03 -10.27
N LEU B 34 -7.61 -4.45 -9.13
CA LEU B 34 -6.22 -4.86 -8.99
C LEU B 34 -5.75 -5.81 -10.10
N ALA B 35 -6.54 -6.85 -10.35
CA ALA B 35 -6.24 -7.73 -11.43
C ALA B 35 -5.92 -6.85 -12.67
N ARG B 36 -6.65 -5.75 -12.81
CA ARG B 36 -6.43 -4.82 -13.89
C ARG B 36 -5.08 -4.06 -13.80
N ILE B 37 -4.69 -3.66 -12.62
CA ILE B 37 -3.33 -3.15 -12.40
C ILE B 37 -2.34 -4.20 -12.86
N TYR B 38 -2.22 -5.33 -12.12
CA TYR B 38 -1.30 -6.47 -12.47
C TYR B 38 -1.27 -6.71 -14.01
N LEU B 39 -2.43 -6.68 -14.63
CA LEU B 39 -2.48 -6.99 -16.04
C LEU B 39 -1.84 -5.92 -16.89
N ASN B 40 -2.15 -4.67 -16.60
CA ASN B 40 -1.56 -3.56 -17.35
C ASN B 40 -0.04 -3.50 -17.34
N ARG B 41 0.61 -3.84 -16.24
CA ARG B 41 2.08 -4.06 -16.30
C ARG B 41 2.50 -5.21 -17.29
N LEU B 42 1.77 -6.31 -17.29
CA LEU B 42 2.08 -7.36 -18.21
C LEU B 42 2.02 -6.80 -19.58
N LEU B 43 0.92 -6.14 -19.90
CA LEU B 43 0.67 -5.70 -21.26
C LEU B 43 1.50 -4.49 -21.71
N SER B 44 1.99 -3.67 -20.77
CA SER B 44 2.80 -2.54 -21.18
C SER B 44 4.22 -3.02 -21.45
N GLY B 45 4.46 -4.27 -21.04
CA GLY B 45 5.77 -4.91 -21.13
C GLY B 45 6.69 -4.72 -19.91
N ALA B 46 6.25 -4.08 -18.85
CA ALA B 46 7.02 -4.21 -17.62
C ALA B 46 7.32 -5.73 -17.41
N GLY B 47 6.29 -6.54 -17.25
CA GLY B 47 6.46 -7.99 -17.14
C GLY B 47 5.93 -8.12 -15.75
N LEU B 48 6.30 -9.16 -15.01
CA LEU B 48 5.91 -9.21 -13.59
C LEU B 48 7.12 -8.97 -12.73
N SER B 49 6.99 -8.01 -11.83
CA SER B 49 8.05 -7.67 -10.93
C SER B 49 7.60 -6.81 -9.76
N ASP B 50 6.51 -6.07 -9.92
CA ASP B 50 5.83 -5.45 -8.77
C ASP B 50 5.66 -6.37 -7.52
N VAL B 51 6.02 -5.82 -6.37
CA VAL B 51 5.63 -6.34 -5.09
C VAL B 51 4.46 -5.49 -4.56
N ASN B 52 3.31 -6.16 -4.30
CA ASN B 52 2.16 -5.51 -3.69
C ASN B 52 1.73 -6.16 -2.36
N MET B 53 0.93 -5.41 -1.62
CA MET B 53 0.67 -5.76 -0.25
C MET B 53 -0.77 -5.52 0.24
N ILE B 54 -1.23 -6.46 1.07
CA ILE B 54 -2.55 -6.46 1.70
C ILE B 54 -2.31 -6.74 3.20
N TYR B 55 -2.98 -5.99 4.05
CA TYR B 55 -2.89 -6.15 5.46
C TYR B 55 -4.24 -5.68 6.05
N GLY B 56 -4.41 -5.96 7.35
CA GLY B 56 -5.54 -5.52 8.13
C GLY B 56 -5.15 -4.65 9.32
N SER B 57 -6.13 -4.39 10.19
CA SER B 57 -5.90 -3.68 11.43
C SER B 57 -5.40 -4.63 12.50
N ILE B 58 -4.67 -4.11 13.49
CA ILE B 58 -4.16 -4.99 14.56
C ILE B 58 -5.30 -5.71 15.31
N GLY B 59 -5.14 -7.02 15.51
CA GLY B 59 -6.18 -7.83 16.10
C GLY B 59 -7.15 -8.47 15.14
N ARG B 60 -7.20 -8.07 13.88
CA ARG B 60 -8.31 -8.53 13.02
C ARG B 60 -7.90 -9.75 12.28
N VAL B 61 -8.79 -10.74 12.24
CA VAL B 61 -8.56 -12.01 11.53
C VAL B 61 -9.86 -12.35 10.87
N GLY B 62 -9.79 -13.09 9.77
CA GLY B 62 -11.00 -13.62 9.13
C GLY B 62 -11.72 -12.57 8.30
N ILE B 63 -10.98 -11.52 7.89
CA ILE B 63 -11.52 -10.39 7.19
C ILE B 63 -11.31 -10.44 5.65
N GLY B 64 -10.77 -11.53 5.12
CA GLY B 64 -10.76 -11.71 3.67
C GLY B 64 -9.45 -11.35 3.04
N LYS B 65 -8.37 -11.29 3.83
CA LYS B 65 -7.06 -10.96 3.29
C LYS B 65 -6.59 -12.04 2.29
N THR B 66 -6.49 -13.27 2.76
CA THR B 66 -6.11 -14.42 1.94
C THR B 66 -7.04 -14.63 0.78
N THR B 67 -8.33 -14.53 1.05
CA THR B 67 -9.35 -14.66 -0.01
C THR B 67 -9.12 -13.67 -1.15
N LEU B 68 -8.99 -12.41 -0.78
CA LEU B 68 -8.74 -11.36 -1.75
C LEU B 68 -7.51 -11.69 -2.60
N ALA B 69 -6.43 -12.12 -1.94
CA ALA B 69 -5.13 -12.39 -2.57
C ALA B 69 -5.26 -13.52 -3.58
N LYS B 70 -5.77 -14.66 -3.13
CA LYS B 70 -6.03 -15.82 -4.03
C LYS B 70 -6.98 -15.50 -5.16
N PHE B 71 -8.01 -14.73 -4.87
CA PHE B 71 -8.99 -14.40 -5.89
C PHE B 71 -8.44 -13.37 -6.86
N THR B 72 -7.59 -12.52 -6.37
CA THR B 72 -6.95 -11.52 -7.26
C THR B 72 -6.06 -12.25 -8.28
N VAL B 73 -5.19 -13.11 -7.78
CA VAL B 73 -4.25 -13.80 -8.64
C VAL B 73 -4.98 -14.62 -9.74
N LYS B 74 -6.07 -15.26 -9.39
CA LYS B 74 -6.87 -16.03 -10.34
C LYS B 74 -7.50 -15.19 -11.42
N ARG B 75 -7.92 -14.00 -11.05
CA ARG B 75 -8.48 -13.04 -12.01
C ARG B 75 -7.39 -12.53 -12.94
N VAL B 76 -6.18 -12.42 -12.44
CA VAL B 76 -5.03 -12.10 -13.29
C VAL B 76 -4.71 -13.19 -14.32
N SER B 77 -4.70 -14.46 -13.90
CA SER B 77 -4.48 -15.54 -14.85
C SER B 77 -5.59 -15.57 -15.88
N GLU B 78 -6.85 -15.39 -15.45
CA GLU B 78 -8.00 -15.45 -16.34
C GLU B 78 -7.93 -14.34 -17.43
N ALA B 79 -7.75 -13.11 -16.98
CA ALA B 79 -7.60 -11.96 -17.88
C ALA B 79 -6.37 -12.13 -18.78
N ALA B 80 -5.25 -12.49 -18.19
CA ALA B 80 -4.03 -12.80 -18.90
C ALA B 80 -4.26 -13.84 -20.04
N ALA B 81 -4.92 -14.94 -19.74
CA ALA B 81 -5.20 -15.93 -20.73
C ALA B 81 -6.01 -15.38 -21.92
N LYS B 82 -6.92 -14.42 -21.68
CA LYS B 82 -7.67 -13.82 -22.80
C LYS B 82 -6.74 -13.09 -23.80
N GLU B 83 -5.65 -12.50 -23.28
CA GLU B 83 -4.60 -11.93 -24.15
C GLU B 83 -3.53 -12.91 -24.66
N GLY B 84 -3.70 -14.21 -24.39
CA GLY B 84 -2.67 -15.21 -24.70
C GLY B 84 -1.39 -15.16 -23.87
N LEU B 85 -1.45 -14.92 -22.57
CA LEU B 85 -0.21 -14.66 -21.79
C LEU B 85 0.47 -15.79 -20.95
N THR B 86 -0.37 -16.44 -20.18
CA THR B 86 -0.06 -17.51 -19.20
C THR B 86 0.61 -17.06 -17.91
N VAL B 87 -0.19 -16.84 -16.85
CA VAL B 87 0.38 -16.62 -15.52
C VAL B 87 -0.08 -17.68 -14.53
N LYS B 88 0.91 -18.30 -13.90
CA LYS B 88 0.74 -19.33 -12.92
C LYS B 88 0.81 -18.72 -11.53
N GLN B 89 0.27 -19.42 -10.55
CA GLN B 89 0.01 -18.90 -9.23
C GLN B 89 0.83 -19.74 -8.27
N ALA B 90 1.48 -19.13 -7.28
CA ALA B 90 2.01 -19.96 -6.15
C ALA B 90 1.64 -19.33 -4.81
N TYR B 91 1.23 -20.17 -3.86
CA TYR B 91 0.75 -19.69 -2.55
C TYR B 91 1.72 -20.24 -1.51
N VAL B 92 2.36 -19.38 -0.72
CA VAL B 92 3.15 -19.84 0.44
C VAL B 92 2.66 -19.13 1.69
N ASN B 93 2.27 -19.92 2.69
CA ASN B 93 1.95 -19.43 4.02
C ASN B 93 3.21 -19.44 4.84
N ALA B 94 3.65 -18.30 5.37
CA ALA B 94 4.81 -18.34 6.28
C ALA B 94 4.62 -19.23 7.54
N PHE B 95 3.39 -19.60 7.89
CA PHE B 95 3.22 -20.66 8.90
C PHE B 95 3.60 -22.12 8.43
N ASN B 96 3.98 -22.32 7.18
CA ASN B 96 4.55 -23.61 6.81
C ASN B 96 5.95 -23.48 6.18
N ALA B 97 6.62 -22.33 6.36
CA ALA B 97 7.82 -22.00 5.54
C ALA B 97 8.98 -21.25 6.23
N PRO B 98 9.66 -21.92 7.14
CA PRO B 98 10.72 -21.33 7.96
C PRO B 98 11.98 -20.79 7.30
N ASN B 99 12.23 -21.04 6.02
CA ASN B 99 13.49 -20.52 5.43
C ASN B 99 13.39 -20.33 3.94
N LEU B 100 14.38 -19.68 3.36
CA LEU B 100 14.31 -19.45 1.92
C LEU B 100 14.17 -20.77 1.11
N TYR B 101 14.92 -21.82 1.48
CA TYR B 101 14.87 -23.09 0.74
C TYR B 101 13.45 -23.66 0.68
N THR B 102 12.77 -23.73 1.83
CA THR B 102 11.38 -24.23 1.88
C THR B 102 10.37 -23.35 1.15
N ILE B 103 10.54 -22.03 1.22
CA ILE B 103 9.69 -21.14 0.43
C ILE B 103 9.86 -21.52 -1.03
N LEU B 104 11.13 -21.64 -1.46
CA LEU B 104 11.43 -21.96 -2.84
C LEU B 104 10.89 -23.33 -3.22
N SER B 105 11.18 -24.31 -2.36
CA SER B 105 10.68 -25.67 -2.49
C SER B 105 9.17 -25.74 -2.73
N LEU B 106 8.43 -25.06 -1.88
CA LEU B 106 6.98 -25.03 -1.95
C LEU B 106 6.50 -24.27 -3.19
N ILE B 107 7.21 -23.21 -3.57
CA ILE B 107 6.92 -22.62 -4.87
C ILE B 107 7.19 -23.58 -6.03
N VAL B 108 8.32 -24.29 -6.05
CA VAL B 108 8.57 -25.08 -7.23
C VAL B 108 7.58 -26.27 -7.32
N ARG B 109 7.19 -26.87 -6.20
CA ARG B 109 6.25 -28.03 -6.29
C ARG B 109 4.89 -27.65 -6.88
N GLN B 110 4.49 -26.41 -6.65
CA GLN B 110 3.26 -25.92 -7.25
C GLN B 110 3.46 -25.67 -8.72
N THR B 111 4.64 -25.25 -9.16
CA THR B 111 4.84 -24.94 -10.59
C THR B 111 4.80 -26.17 -11.47
N GLY B 112 5.32 -27.30 -10.97
CA GLY B 112 5.37 -28.52 -11.79
C GLY B 112 6.56 -28.54 -12.73
N TYR B 113 7.51 -27.66 -12.48
CA TYR B 113 8.66 -27.52 -13.33
C TYR B 113 9.75 -28.45 -12.85
N PRO B 114 10.49 -29.04 -13.81
CA PRO B 114 11.46 -30.04 -13.41
C PRO B 114 12.71 -29.38 -12.82
N ILE B 115 12.65 -29.05 -11.53
CA ILE B 115 13.75 -28.35 -10.86
C ILE B 115 14.32 -29.08 -9.62
N GLN B 116 15.62 -29.20 -9.63
CA GLN B 116 16.38 -29.76 -8.52
C GLN B 116 16.23 -28.91 -7.23
N VAL B 117 15.53 -29.45 -6.23
CA VAL B 117 15.32 -28.78 -4.95
C VAL B 117 16.15 -29.44 -3.88
N ARG B 118 15.85 -30.72 -3.65
CA ARG B 118 16.63 -31.55 -2.77
C ARG B 118 18.17 -31.39 -3.01
N GLY B 119 18.84 -30.81 -2.01
CA GLY B 119 20.30 -30.76 -1.95
C GLY B 119 20.89 -29.47 -2.50
N ALA B 120 20.06 -28.66 -3.16
CA ALA B 120 20.54 -27.52 -3.95
C ALA B 120 20.43 -26.19 -3.19
N PRO B 121 21.47 -25.34 -3.27
CA PRO B 121 21.45 -24.03 -2.57
C PRO B 121 20.30 -23.17 -3.01
N ALA B 122 19.87 -22.23 -2.16
CA ALA B 122 18.64 -21.43 -2.43
C ALA B 122 18.80 -20.64 -3.72
N LEU B 123 19.99 -20.04 -3.86
CA LEU B 123 20.39 -19.31 -5.06
C LEU B 123 20.29 -20.06 -6.40
N ASP B 124 20.74 -21.32 -6.45
CA ASP B 124 20.58 -22.15 -7.67
C ASP B 124 19.12 -22.47 -8.06
N ILE B 125 18.24 -22.60 -7.08
CA ILE B 125 16.84 -22.98 -7.35
C ILE B 125 16.14 -21.76 -8.01
N LEU B 126 16.27 -20.62 -7.37
CA LEU B 126 15.71 -19.40 -7.91
C LEU B 126 16.16 -19.22 -9.35
N LYS B 127 17.47 -19.28 -9.58
CA LYS B 127 18.02 -19.38 -10.94
C LYS B 127 17.31 -20.42 -11.85
N ALA B 128 17.09 -21.64 -11.38
CA ALA B 128 16.37 -22.61 -12.22
C ALA B 128 14.94 -22.14 -12.59
N LEU B 129 14.32 -21.44 -11.66
CA LEU B 129 12.91 -21.01 -11.80
C LEU B 129 12.81 -19.88 -12.81
N VAL B 130 13.72 -18.94 -12.71
CA VAL B 130 13.86 -17.93 -13.72
C VAL B 130 14.03 -18.56 -15.11
N ASP B 131 14.96 -19.48 -15.28
CA ASP B 131 15.04 -20.23 -16.55
C ASP B 131 13.83 -21.02 -17.07
N ASN B 132 13.11 -21.71 -16.21
CA ASN B 132 11.92 -22.42 -16.69
C ASN B 132 10.79 -21.49 -17.14
N LEU B 133 10.71 -20.35 -16.49
CA LEU B 133 9.67 -19.39 -16.79
C LEU B 133 9.91 -18.86 -18.21
N TYR B 134 11.20 -18.62 -18.50
CA TYR B 134 11.65 -18.20 -19.84
C TYR B 134 11.38 -19.28 -20.86
N VAL B 135 11.84 -20.49 -20.56
CA VAL B 135 11.69 -21.58 -21.47
C VAL B 135 10.24 -21.76 -21.85
N GLU B 136 9.34 -21.73 -20.87
CA GLU B 136 7.93 -21.96 -21.15
C GLU B 136 7.14 -20.75 -21.55
N ASN B 137 7.72 -19.56 -21.38
CA ASN B 137 7.00 -18.31 -21.61
C ASN B 137 5.79 -18.21 -20.65
N HIS B 138 6.09 -18.42 -19.38
CA HIS B 138 5.16 -18.31 -18.29
C HIS B 138 5.50 -17.14 -17.37
N TYR B 139 4.48 -16.61 -16.70
CA TYR B 139 4.64 -15.66 -15.62
C TYR B 139 4.14 -16.29 -14.36
N LEU B 140 4.77 -15.93 -13.24
CA LEU B 140 4.50 -16.46 -11.89
C LEU B 140 4.20 -15.35 -10.85
N LEU B 141 3.01 -15.43 -10.29
CA LEU B 141 2.59 -14.50 -9.28
C LEU B 141 2.54 -15.27 -7.96
N VAL B 142 3.44 -14.95 -7.06
CA VAL B 142 3.55 -15.62 -5.80
C VAL B 142 2.83 -14.87 -4.68
N ILE B 143 1.97 -15.57 -3.94
CA ILE B 143 1.40 -15.04 -2.68
C ILE B 143 2.25 -15.54 -1.49
N LEU B 144 2.78 -14.60 -0.69
CA LEU B 144 3.41 -14.90 0.58
C LEU B 144 2.45 -14.39 1.68
N ASP B 145 1.77 -15.36 2.31
CA ASP B 145 0.75 -15.10 3.29
C ASP B 145 1.39 -15.16 4.66
N GLU B 146 0.76 -14.50 5.62
CA GLU B 146 1.32 -14.41 6.95
C GLU B 146 2.76 -13.84 6.91
N PHE B 147 2.97 -12.85 6.06
CA PHE B 147 4.34 -12.37 5.73
C PHE B 147 5.04 -11.75 6.93
N GLN B 148 4.26 -11.24 7.90
CA GLN B 148 4.88 -10.62 9.08
C GLN B 148 5.81 -11.57 9.83
N SER B 149 5.47 -12.86 9.86
CA SER B 149 6.15 -13.82 10.72
C SER B 149 7.31 -14.47 9.98
N MET B 150 7.80 -13.69 9.01
CA MET B 150 8.77 -14.03 7.98
C MET B 150 9.77 -12.87 7.97
N LEU B 151 9.29 -11.67 8.35
CA LEU B 151 10.12 -10.50 8.69
C LEU B 151 10.67 -10.48 10.14
N SER B 152 10.02 -11.19 11.06
CA SER B 152 10.49 -11.27 12.46
C SER B 152 11.38 -12.53 12.66
N SER B 153 10.95 -13.65 12.07
CA SER B 153 11.71 -14.91 12.01
C SER B 153 13.22 -14.65 11.85
N PRO B 154 14.00 -14.93 12.91
CA PRO B 154 15.46 -14.94 12.71
C PRO B 154 15.94 -16.01 11.71
N ARG B 155 15.06 -16.95 11.35
CA ARG B 155 15.42 -18.05 10.42
C ARG B 155 15.43 -17.59 8.93
N ILE B 156 15.01 -16.35 8.67
CA ILE B 156 15.04 -15.76 7.35
C ILE B 156 15.78 -14.41 7.42
N ALA B 157 17.03 -14.38 6.95
CA ALA B 157 17.81 -13.14 6.91
C ALA B 157 17.38 -12.14 5.83
N ALA B 158 17.66 -10.87 6.09
CA ALA B 158 17.38 -9.78 5.16
C ALA B 158 17.86 -10.09 3.74
N GLU B 159 19.03 -10.70 3.64
CA GLU B 159 19.61 -11.00 2.37
C GLU B 159 18.84 -12.15 1.72
N ASP B 160 18.25 -13.06 2.49
CA ASP B 160 17.38 -14.08 1.86
C ASP B 160 16.12 -13.50 1.17
N LEU B 161 15.51 -12.55 1.88
CA LEU B 161 14.29 -11.89 1.50
C LEU B 161 14.58 -11.02 0.31
N TYR B 162 15.76 -10.40 0.32
CA TYR B 162 16.19 -9.55 -0.80
C TYR B 162 16.53 -10.30 -2.06
N THR B 163 16.94 -11.57 -1.95
CA THR B 163 17.28 -12.33 -3.18
C THR B 163 16.02 -12.93 -3.78
N LEU B 164 14.99 -13.16 -2.97
CA LEU B 164 13.68 -13.61 -3.47
C LEU B 164 12.83 -12.44 -4.02
N LEU B 165 12.66 -11.42 -3.19
CA LEU B 165 11.79 -10.30 -3.54
C LEU B 165 12.38 -9.38 -4.63
N ARG B 166 13.71 -9.17 -4.67
CA ARG B 166 14.34 -8.58 -5.87
C ARG B 166 15.12 -9.60 -6.75
N VAL B 167 14.50 -10.73 -7.07
CA VAL B 167 15.09 -11.71 -7.96
C VAL B 167 15.68 -11.08 -9.20
N HIS B 168 14.94 -10.11 -9.76
CA HIS B 168 15.21 -9.63 -11.12
C HIS B 168 16.43 -8.74 -11.19
N GLU B 169 16.81 -8.11 -10.06
CA GLU B 169 18.13 -7.41 -9.99
C GLU B 169 19.32 -8.40 -10.03
N GLU B 170 19.20 -9.49 -9.26
CA GLU B 170 20.31 -10.42 -9.03
C GLU B 170 20.38 -11.53 -10.06
N ILE B 171 19.22 -12.04 -10.45
CA ILE B 171 19.11 -13.08 -11.46
C ILE B 171 18.42 -12.60 -12.73
N PRO B 172 19.12 -11.84 -13.57
CA PRO B 172 18.62 -11.50 -14.89
C PRO B 172 18.24 -12.73 -15.74
N SER B 173 17.37 -12.46 -16.69
CA SER B 173 16.62 -13.43 -17.44
C SER B 173 17.14 -13.46 -18.88
N ARG B 174 16.96 -14.59 -19.55
CA ARG B 174 17.59 -14.84 -20.84
C ARG B 174 17.21 -13.81 -21.94
N ASP B 175 16.04 -13.22 -21.84
CA ASP B 175 15.47 -12.33 -22.86
C ASP B 175 15.06 -10.99 -22.28
N GLY B 176 15.41 -10.77 -21.03
CA GLY B 176 15.12 -9.52 -20.33
C GLY B 176 13.75 -9.39 -19.69
N VAL B 177 12.84 -10.33 -19.92
CA VAL B 177 11.47 -10.18 -19.39
C VAL B 177 11.44 -10.68 -17.96
N ASN B 178 11.06 -9.82 -17.04
CA ASN B 178 10.81 -10.24 -15.67
C ASN B 178 9.49 -11.05 -15.56
N ARG B 179 9.57 -12.24 -14.96
CA ARG B 179 8.47 -13.17 -14.92
C ARG B 179 8.02 -13.60 -13.52
N ILE B 180 8.53 -12.95 -12.47
CA ILE B 180 8.09 -13.21 -11.11
C ILE B 180 7.58 -11.97 -10.37
N GLY B 181 6.36 -12.06 -9.89
CA GLY B 181 5.77 -10.98 -9.04
C GLY B 181 5.30 -11.53 -7.70
N PHE B 182 5.15 -10.63 -6.75
CA PHE B 182 4.84 -11.01 -5.36
C PHE B 182 3.69 -10.21 -4.75
N LEU B 183 2.70 -10.92 -4.23
CA LEU B 183 1.63 -10.30 -3.47
C LEU B 183 1.86 -10.69 -2.02
N LEU B 184 2.22 -9.72 -1.20
CA LEU B 184 2.36 -9.94 0.25
C LEU B 184 1.03 -9.75 1.01
N VAL B 185 0.74 -10.71 1.90
CA VAL B 185 -0.34 -10.67 2.86
C VAL B 185 0.23 -10.72 4.31
N ALA B 186 0.08 -9.62 5.04
CA ALA B 186 0.52 -9.52 6.42
C ALA B 186 -0.68 -9.24 7.37
N SER B 187 -0.50 -9.49 8.65
CA SER B 187 -1.64 -9.25 9.55
C SER B 187 -2.05 -7.78 9.70
N ASP B 188 -1.11 -6.86 9.63
CA ASP B 188 -1.38 -5.45 9.93
C ASP B 188 -0.19 -4.54 9.67
N VAL B 189 -0.37 -3.25 9.89
CA VAL B 189 0.53 -2.20 9.43
C VAL B 189 1.94 -2.26 10.06
N ARG B 190 2.03 -2.90 11.21
CA ARG B 190 3.31 -3.27 11.84
C ARG B 190 4.27 -4.01 10.90
N ALA B 191 3.75 -4.77 9.95
CA ALA B 191 4.60 -5.41 8.92
C ALA B 191 5.45 -4.42 8.18
N LEU B 192 4.88 -3.25 7.91
CA LEU B 192 5.61 -2.15 7.28
C LEU B 192 6.76 -1.53 8.06
N SER B 193 6.61 -1.37 9.37
CA SER B 193 7.75 -0.87 10.16
C SER B 193 8.90 -1.88 10.10
N TYR B 194 8.54 -3.16 10.21
CA TYR B 194 9.53 -4.25 10.13
C TYR B 194 10.23 -4.35 8.78
N MET B 195 9.44 -4.29 7.69
CA MET B 195 9.99 -4.17 6.34
C MET B 195 10.92 -2.95 6.13
N ARG B 196 10.66 -1.86 6.81
CA ARG B 196 11.56 -0.69 6.76
C ARG B 196 12.90 -0.93 7.52
N GLU B 197 12.83 -1.58 8.68
CA GLU B 197 13.99 -2.06 9.42
C GLU B 197 14.82 -2.99 8.54
N LYS B 198 14.16 -4.02 8.04
CA LYS B 198 14.79 -5.22 7.48
C LYS B 198 15.12 -5.14 6.00
N ILE B 199 14.13 -4.82 5.16
CA ILE B 199 14.30 -4.87 3.70
C ILE B 199 13.74 -3.59 3.11
N PRO B 200 14.37 -2.44 3.43
CA PRO B 200 13.80 -1.16 3.02
C PRO B 200 13.82 -0.93 1.52
N GLN B 201 14.85 -1.47 0.84
CA GLN B 201 14.99 -1.38 -0.60
C GLN B 201 13.85 -2.03 -1.36
N VAL B 202 13.00 -2.81 -0.68
CA VAL B 202 11.82 -3.27 -1.33
C VAL B 202 10.61 -2.47 -0.85
N GLU B 203 10.52 -2.21 0.46
CA GLU B 203 9.30 -1.69 1.05
C GLU B 203 8.96 -0.32 0.41
N SER B 204 9.98 0.49 0.19
CA SER B 204 9.73 1.81 -0.32
C SER B 204 9.37 1.81 -1.83
N GLN B 205 9.18 0.62 -2.40
CA GLN B 205 9.04 0.37 -3.83
C GLN B 205 7.82 -0.61 -4.12
N ILE B 206 6.97 -0.73 -3.13
CA ILE B 206 5.77 -1.48 -3.32
C ILE B 206 4.80 -0.68 -4.19
N GLY B 207 4.18 -1.33 -5.17
CA GLY B 207 3.23 -0.67 -6.07
C GLY B 207 1.89 -0.21 -5.47
N PHE B 208 1.22 -1.08 -4.71
CA PHE B 208 0.01 -0.68 -4.00
C PHE B 208 0.04 -1.36 -2.67
N LYS B 209 -0.26 -0.59 -1.62
CA LYS B 209 -0.49 -1.13 -0.25
C LYS B 209 -1.95 -0.91 0.14
N LEU B 210 -2.66 -2.01 0.38
CA LEU B 210 -4.09 -1.97 0.60
C LEU B 210 -4.46 -2.45 2.03
N HIS B 211 -5.02 -1.57 2.85
CA HIS B 211 -5.54 -1.93 4.14
C HIS B 211 -6.97 -2.45 4.03
N LEU B 212 -7.29 -3.59 4.60
CA LEU B 212 -8.67 -4.05 4.52
C LEU B 212 -9.36 -3.79 5.88
N PRO B 213 -10.54 -3.13 5.91
CA PRO B 213 -11.25 -3.03 7.21
C PRO B 213 -11.98 -4.31 7.56
N ALA B 214 -12.26 -4.53 8.83
CA ALA B 214 -13.11 -5.66 9.22
C ALA B 214 -14.50 -5.48 8.63
N TYR B 215 -15.23 -6.58 8.50
CA TYR B 215 -16.52 -6.66 7.81
C TYR B 215 -17.67 -6.15 8.66
N LYS B 216 -18.55 -5.35 8.04
CA LYS B 216 -19.82 -4.88 8.67
C LYS B 216 -20.89 -5.95 8.50
N SER B 217 -22.00 -5.80 9.23
CA SER B 217 -23.07 -6.76 9.21
C SER B 217 -23.61 -7.01 7.81
N ARG B 218 -23.79 -5.95 7.03
CA ARG B 218 -24.38 -6.12 5.69
C ARG B 218 -23.45 -6.94 4.82
N GLU B 219 -22.14 -6.72 4.99
CA GLU B 219 -21.15 -7.45 4.25
C GLU B 219 -21.11 -8.95 4.65
N LEU B 220 -21.16 -9.21 5.94
CA LEU B 220 -21.26 -10.57 6.45
C LEU B 220 -22.56 -11.24 5.98
N TYR B 221 -23.67 -10.52 6.04
CA TYR B 221 -24.91 -11.00 5.41
C TYR B 221 -24.64 -11.42 4.01
N THR B 222 -24.04 -10.54 3.22
CA THR B 222 -23.75 -10.90 1.82
C THR B 222 -22.93 -12.18 1.67
N ILE B 223 -21.92 -12.33 2.52
CA ILE B 223 -21.01 -13.51 2.51
C ILE B 223 -21.71 -14.80 2.95
N LEU B 224 -22.44 -14.73 4.07
CA LEU B 224 -23.26 -15.86 4.47
C LEU B 224 -24.31 -16.26 3.42
N GLU B 225 -25.00 -15.27 2.84
CA GLU B 225 -26.08 -15.52 1.85
C GLU B 225 -25.53 -16.29 0.62
N GLN B 226 -24.28 -15.99 0.24
CA GLN B 226 -23.66 -16.64 -0.89
C GLN B 226 -23.26 -18.09 -0.54
N ARG B 227 -22.72 -18.29 0.65
CA ARG B 227 -22.48 -19.64 1.15
C ARG B 227 -23.76 -20.45 1.29
N ALA B 228 -24.86 -19.80 1.63
CA ALA B 228 -26.14 -20.48 1.73
C ALA B 228 -26.62 -20.93 0.36
N GLU B 229 -26.61 -20.02 -0.63
CA GLU B 229 -27.01 -20.33 -2.01
C GLU B 229 -26.23 -21.49 -2.61
N LEU B 230 -24.90 -21.42 -2.45
CA LEU B 230 -23.96 -22.41 -2.99
C LEU B 230 -23.86 -23.72 -2.21
N GLY B 231 -24.01 -23.68 -0.90
CA GLY B 231 -23.76 -24.87 -0.05
C GLY B 231 -24.94 -25.54 0.63
N LEU B 232 -26.12 -24.90 0.60
CA LEU B 232 -27.34 -25.45 1.22
C LEU B 232 -28.52 -25.50 0.27
N ARG B 233 -29.49 -26.36 0.56
CA ARG B 233 -30.75 -26.40 -0.20
C ARG B 233 -31.69 -25.19 0.01
N ASP B 234 -32.39 -24.80 -1.05
CA ASP B 234 -33.19 -23.56 -1.06
C ASP B 234 -34.15 -23.37 0.12
N THR B 235 -34.76 -24.45 0.56
CA THR B 235 -35.77 -24.35 1.58
C THR B 235 -35.25 -24.53 3.00
N VAL B 236 -33.94 -24.45 3.19
CA VAL B 236 -33.33 -24.78 4.47
C VAL B 236 -32.99 -23.54 5.28
N TRP B 237 -32.87 -22.42 4.59
CA TRP B 237 -32.54 -21.19 5.27
C TRP B 237 -33.49 -20.11 4.75
N GLU B 238 -33.59 -19.09 5.58
CA GLU B 238 -34.31 -17.88 5.29
C GLU B 238 -33.32 -16.77 5.67
N PRO B 239 -33.50 -15.57 5.13
CA PRO B 239 -32.65 -14.43 5.48
C PRO B 239 -32.60 -14.15 7.00
N ARG B 240 -33.71 -14.43 7.70
CA ARG B 240 -33.79 -14.16 9.12
C ARG B 240 -32.77 -15.00 9.87
N HIS B 241 -32.57 -16.22 9.45
CA HIS B 241 -31.60 -17.03 10.13
C HIS B 241 -30.20 -16.40 9.98
N LEU B 242 -29.85 -15.92 8.78
CA LEU B 242 -28.45 -15.45 8.58
C LEU B 242 -28.21 -14.14 9.33
N GLU B 243 -29.23 -13.27 9.34
CA GLU B 243 -29.13 -11.96 10.02
C GLU B 243 -28.72 -12.08 11.47
N LEU B 244 -29.16 -13.16 12.12
CA LEU B 244 -28.78 -13.50 13.51
C LEU B 244 -27.27 -13.62 13.71
N ILE B 245 -26.56 -14.09 12.71
CA ILE B 245 -25.11 -14.22 12.78
C ILE B 245 -24.44 -12.88 12.46
N SER B 246 -24.91 -12.23 11.42
CA SER B 246 -24.24 -11.04 10.91
C SER B 246 -24.45 -9.84 11.84
N ASP B 247 -25.62 -9.77 12.49
CA ASP B 247 -25.96 -8.71 13.46
C ASP B 247 -25.11 -8.76 14.71
N VAL B 248 -24.58 -9.96 15.01
CA VAL B 248 -23.72 -10.20 16.15
C VAL B 248 -22.26 -10.01 15.77
N TYR B 249 -21.85 -10.56 14.61
CA TYR B 249 -20.43 -10.48 14.21
C TYR B 249 -19.92 -9.19 13.49
N GLY B 250 -20.85 -8.40 12.96
CA GLY B 250 -20.55 -7.22 12.20
C GLY B 250 -19.92 -6.22 13.10
N GLU B 251 -18.95 -5.48 12.55
CA GLU B 251 -18.07 -4.70 13.37
C GLU B 251 -18.81 -3.41 13.74
N ASP B 252 -19.77 -3.06 12.90
CA ASP B 252 -20.71 -1.98 13.21
C ASP B 252 -21.73 -2.32 14.28
N LYS B 253 -21.79 -3.55 14.75
CA LYS B 253 -22.69 -3.95 15.84
C LYS B 253 -21.93 -4.42 17.05
N GLY B 254 -20.66 -3.99 17.14
CA GLY B 254 -19.82 -4.30 18.28
C GLY B 254 -19.06 -5.61 18.16
N GLY B 255 -19.11 -6.21 16.97
CA GLY B 255 -18.45 -7.48 16.68
C GLY B 255 -17.08 -7.32 16.05
N ASP B 256 -16.42 -8.47 15.92
CA ASP B 256 -15.16 -8.79 15.20
C ASP B 256 -15.03 -8.43 13.73
N GLY B 257 -16.15 -8.48 13.05
CA GLY B 257 -16.10 -8.39 11.62
C GLY B 257 -15.38 -9.57 10.97
N SER B 258 -15.32 -10.72 11.62
CA SER B 258 -14.75 -11.92 11.03
C SER B 258 -15.77 -12.72 10.21
N ALA B 259 -15.56 -12.81 8.88
CA ALA B 259 -16.26 -13.77 8.05
C ALA B 259 -16.06 -15.28 8.42
N ARG B 260 -14.84 -15.62 8.84
CA ARG B 260 -14.57 -16.96 9.19
C ARG B 260 -15.54 -17.34 10.36
N ARG B 261 -15.57 -16.47 11.38
CA ARG B 261 -16.43 -16.71 12.54
C ARG B 261 -17.85 -16.84 12.14
N ALA B 262 -18.33 -15.94 11.31
CA ALA B 262 -19.68 -16.01 10.80
C ALA B 262 -20.02 -17.32 10.08
N ILE B 263 -19.07 -17.76 9.26
CA ILE B 263 -19.29 -18.94 8.40
C ILE B 263 -19.23 -20.21 9.23
N VAL B 264 -18.30 -20.29 10.18
CA VAL B 264 -18.25 -21.36 11.15
C VAL B 264 -19.59 -21.46 11.98
N ALA B 265 -20.07 -20.34 12.48
CA ALA B 265 -21.39 -20.34 13.10
C ALA B 265 -22.49 -20.95 12.22
N LEU B 266 -22.55 -20.56 10.95
CA LEU B 266 -23.66 -20.99 10.08
C LEU B 266 -23.56 -22.49 9.83
N LYS B 267 -22.32 -22.93 9.61
CA LYS B 267 -21.99 -24.33 9.51
C LYS B 267 -22.48 -25.06 10.74
N MET B 268 -22.08 -24.60 11.92
CA MET B 268 -22.43 -25.36 13.15
C MET B 268 -23.96 -25.47 13.28
N ALA B 269 -24.66 -24.39 12.98
CA ALA B 269 -26.08 -24.34 13.09
C ALA B 269 -26.69 -25.43 12.20
N CYS B 270 -26.15 -25.51 10.99
CA CYS B 270 -26.60 -26.49 10.01
C CYS B 270 -26.30 -27.94 10.41
N GLU B 271 -25.18 -28.18 11.07
CA GLU B 271 -24.91 -29.50 11.60
C GLU B 271 -25.40 -29.77 13.05
N MET B 272 -26.06 -28.80 13.69
CA MET B 272 -26.86 -29.10 14.88
C MET B 272 -28.22 -29.56 14.36
N ALA B 273 -28.69 -28.90 13.31
CA ALA B 273 -30.03 -29.19 12.74
C ALA B 273 -30.12 -30.60 12.16
N GLU B 274 -29.23 -30.90 11.21
CA GLU B 274 -29.09 -32.21 10.61
C GLU B 274 -29.15 -33.25 11.71
N ALA B 275 -28.30 -33.08 12.73
CA ALA B 275 -28.21 -34.05 13.84
C ALA B 275 -29.56 -34.37 14.49
N MET B 276 -30.52 -33.45 14.37
CA MET B 276 -31.89 -33.67 14.90
C MET B 276 -32.90 -34.05 13.83
N GLY B 277 -32.41 -34.49 12.66
CA GLY B 277 -33.29 -34.85 11.55
C GLY B 277 -34.29 -33.74 11.29
N ARG B 278 -33.78 -32.51 11.31
CA ARG B 278 -34.61 -31.34 11.14
C ARG B 278 -34.54 -31.00 9.66
N ASP B 279 -35.60 -30.39 9.17
CA ASP B 279 -35.82 -30.10 7.74
C ASP B 279 -35.10 -28.85 7.21
N SER B 280 -34.65 -27.99 8.15
CA SER B 280 -34.27 -26.62 7.88
C SER B 280 -33.69 -26.07 9.13
N LEU B 281 -33.00 -24.95 9.05
CA LEU B 281 -32.55 -24.24 10.24
C LEU B 281 -33.73 -23.76 11.13
N SER B 282 -33.42 -23.55 12.39
CA SER B 282 -34.28 -22.78 13.27
C SER B 282 -33.45 -21.58 13.77
N GLU B 283 -34.17 -20.56 14.24
CA GLU B 283 -33.56 -19.40 14.90
C GLU B 283 -32.85 -19.82 16.15
N ASP B 284 -33.46 -20.75 16.89
CA ASP B 284 -32.89 -21.20 18.13
C ASP B 284 -31.53 -21.84 17.88
N LEU B 285 -31.44 -22.66 16.83
CA LEU B 285 -30.17 -23.34 16.48
C LEU B 285 -29.08 -22.39 16.02
N VAL B 286 -29.45 -21.36 15.27
CA VAL B 286 -28.46 -20.41 14.82
C VAL B 286 -27.93 -19.65 16.02
N ARG B 287 -28.82 -19.19 16.90
CA ARG B 287 -28.35 -18.47 18.08
C ARG B 287 -27.54 -19.41 18.99
N LYS B 288 -27.95 -20.67 19.10
CA LYS B 288 -27.16 -21.61 19.86
C LYS B 288 -25.72 -21.73 19.38
N ALA B 289 -25.54 -21.82 18.05
CA ALA B 289 -24.22 -21.86 17.38
C ALA B 289 -23.40 -20.58 17.60
N VAL B 290 -24.00 -19.42 17.39
CA VAL B 290 -23.39 -18.15 17.80
C VAL B 290 -22.94 -18.27 19.25
N SER B 291 -23.81 -18.81 20.10
CA SER B 291 -23.53 -18.87 21.55
C SER B 291 -22.35 -19.76 21.98
N GLU B 292 -22.05 -20.81 21.21
CA GLU B 292 -20.92 -21.69 21.53
C GLU B 292 -19.77 -21.62 20.52
N ASN B 293 -19.76 -20.56 19.73
CA ASN B 293 -18.70 -20.36 18.77
C ASN B 293 -17.45 -19.86 19.49
N GLU B 294 -16.42 -20.68 19.45
CA GLU B 294 -15.09 -20.32 19.94
C GLU B 294 -14.71 -18.96 19.42
N ALA B 295 -14.12 -18.12 20.23
CA ALA B 295 -13.29 -17.04 19.67
C ALA B 295 -12.17 -17.68 18.83
N ALA B 296 -11.56 -16.92 17.94
CA ALA B 296 -10.27 -17.34 17.36
C ALA B 296 -9.19 -17.22 18.46
N SER B 297 -8.43 -18.28 18.69
CA SER B 297 -7.41 -18.23 19.74
C SER B 297 -6.42 -17.13 19.41
N ILE B 298 -5.76 -16.60 20.43
CA ILE B 298 -4.78 -15.58 20.17
C ILE B 298 -3.59 -16.25 19.49
N GLN B 299 -3.14 -15.66 18.38
CA GLN B 299 -1.98 -16.19 17.64
C GLN B 299 -0.67 -16.00 18.44
N THR B 300 0.21 -17.01 18.46
CA THR B 300 1.27 -17.04 19.48
C THR B 300 2.69 -16.80 18.97
N HIS B 301 2.80 -16.38 17.71
CA HIS B 301 4.09 -16.34 17.05
C HIS B 301 4.89 -15.14 17.60
N GLU B 302 4.25 -13.97 17.64
CA GLU B 302 4.86 -12.73 18.12
C GLU B 302 5.18 -12.82 19.61
N LEU B 303 4.32 -13.48 20.39
CA LEU B 303 4.59 -13.66 21.83
C LEU B 303 5.81 -14.57 22.02
N GLU B 304 5.99 -15.49 21.08
CA GLU B 304 7.08 -16.46 21.13
C GLU B 304 8.42 -15.82 20.92
N ALA B 305 8.48 -14.71 20.19
CA ALA B 305 9.73 -13.99 19.96
C ALA B 305 10.21 -13.27 21.22
N LEU B 306 9.27 -12.88 22.06
CA LEU B 306 9.56 -12.10 23.25
C LEU B 306 10.47 -12.80 24.25
N SER B 307 11.13 -12.01 25.10
CA SER B 307 11.99 -12.56 26.17
C SER B 307 11.11 -12.92 27.40
N ILE B 308 11.65 -13.71 28.33
CA ILE B 308 10.94 -14.06 29.56
C ILE B 308 10.48 -12.79 30.32
N HIS B 309 11.34 -11.76 30.35
CA HIS B 309 10.99 -10.56 31.06
C HIS B 309 9.84 -9.77 30.47
N GLU B 310 9.76 -9.72 29.15
CA GLU B 310 8.67 -9.06 28.47
C GLU B 310 7.36 -9.76 28.76
N LEU B 311 7.46 -11.08 28.87
CA LEU B 311 6.30 -11.92 29.09
C LEU B 311 5.87 -11.77 30.53
N ILE B 312 6.81 -11.79 31.45
CA ILE B 312 6.48 -11.53 32.84
C ILE B 312 5.71 -10.22 32.93
N ILE B 313 6.21 -9.19 32.24
CA ILE B 313 5.60 -7.86 32.28
C ILE B 313 4.22 -7.89 31.64
N LEU B 314 4.13 -8.56 30.48
CA LEU B 314 2.86 -8.67 29.83
C LEU B 314 1.80 -9.34 30.77
N ARG B 315 2.19 -10.45 31.39
CA ARG B 315 1.27 -11.16 32.28
C ARG B 315 0.78 -10.27 33.45
N LEU B 316 1.65 -9.43 34.01
CA LEU B 316 1.26 -8.53 35.09
C LEU B 316 0.14 -7.55 34.65
N ILE B 317 0.25 -7.05 33.44
CA ILE B 317 -0.74 -6.14 32.85
C ILE B 317 -2.04 -6.89 32.61
N ALA B 318 -1.93 -8.08 32.05
CA ALA B 318 -3.08 -8.90 31.83
C ALA B 318 -3.75 -9.18 33.17
N GLU B 319 -3.05 -9.83 34.10
CA GLU B 319 -3.48 -9.91 35.53
C GLU B 319 -4.23 -8.68 36.11
N ALA B 320 -3.68 -7.50 35.84
CA ALA B 320 -4.30 -6.26 36.25
C ALA B 320 -5.70 -6.11 35.60
N THR B 321 -5.78 -6.29 34.28
CA THR B 321 -7.04 -6.21 33.51
C THR B 321 -8.09 -7.19 34.05
N LEU B 322 -7.61 -8.41 34.30
CA LEU B 322 -8.45 -9.54 34.74
C LEU B 322 -8.87 -9.36 36.20
N GLY B 323 -8.32 -8.37 36.91
CA GLY B 323 -8.75 -8.03 38.23
C GLY B 323 -9.68 -6.83 38.24
N GLY B 324 -9.93 -6.27 37.05
CA GLY B 324 -10.84 -5.12 36.91
C GLY B 324 -10.11 -3.80 36.76
N MET B 325 -8.78 -3.85 36.75
CA MET B 325 -7.95 -2.67 36.63
C MET B 325 -7.46 -2.51 35.19
N GLU B 326 -8.25 -1.81 34.38
CA GLU B 326 -7.81 -1.42 33.05
C GLU B 326 -7.05 -0.12 33.33
N TRP B 327 -5.78 -0.11 32.98
CA TRP B 327 -4.83 0.98 33.30
C TRP B 327 -4.22 0.80 34.67
N ILE B 328 -2.92 0.52 34.64
CA ILE B 328 -2.11 0.39 35.83
C ILE B 328 -1.04 1.41 35.65
N ASN B 329 -0.67 2.08 36.72
CA ASN B 329 0.37 3.07 36.63
C ASN B 329 1.72 2.42 36.66
N ALA B 330 2.72 3.21 36.32
CA ALA B 330 4.05 2.73 36.14
C ALA B 330 4.70 2.21 37.44
N GLY B 331 4.53 2.97 38.52
CA GLY B 331 5.14 2.64 39.82
C GLY B 331 4.56 1.39 40.45
N LEU B 332 3.27 1.14 40.23
CA LEU B 332 2.62 -0.05 40.74
C LEU B 332 3.03 -1.26 39.88
N LEU B 333 3.04 -1.09 38.55
CA LEU B 333 3.56 -2.13 37.63
C LEU B 333 5.03 -2.47 37.92
N ARG B 334 5.87 -1.46 38.16
CA ARG B 334 7.27 -1.75 38.42
C ARG B 334 7.46 -2.54 39.70
N GLN B 335 6.77 -2.15 40.76
CA GLN B 335 6.90 -2.85 42.03
C GLN B 335 6.45 -4.32 41.95
N ARG B 336 5.37 -4.58 41.23
CA ARG B 336 4.89 -5.91 41.03
C ARG B 336 5.88 -6.72 40.20
N TYR B 337 6.49 -6.11 39.19
CA TYR B 337 7.45 -6.82 38.37
C TYR B 337 8.65 -7.22 39.24
N GLU B 338 9.07 -6.30 40.10
CA GLU B 338 10.13 -6.52 41.06
C GLU B 338 9.84 -7.71 41.95
N ASP B 339 8.63 -7.68 42.53
CA ASP B 339 8.22 -8.67 43.47
C ASP B 339 7.95 -9.99 42.75
N ALA B 340 7.40 -9.96 41.55
CA ALA B 340 7.09 -11.23 40.86
C ALA B 340 8.31 -11.89 40.27
N SER B 341 9.34 -11.10 40.02
CA SER B 341 10.56 -11.71 39.49
C SER B 341 11.34 -12.60 40.49
N LEU B 342 11.46 -12.27 41.80
CA LEU B 342 11.91 -13.35 42.73
C LEU B 342 10.75 -14.37 42.67
N THR B 343 9.88 -14.32 43.69
CA THR B 343 8.76 -15.23 43.86
C THR B 343 8.45 -16.14 42.65
N MET B 344 7.74 -15.60 41.65
CA MET B 344 6.96 -16.37 40.68
C MET B 344 7.82 -17.07 39.57
N TYR B 345 9.08 -16.69 39.44
CA TYR B 345 10.08 -17.27 38.50
C TYR B 345 11.25 -16.39 38.73
N ASN B 346 12.33 -17.01 39.19
CA ASN B 346 13.54 -16.29 39.58
C ASN B 346 14.55 -16.32 38.43
N VAL B 347 14.09 -15.73 37.33
CA VAL B 347 14.91 -14.77 36.60
C VAL B 347 14.90 -13.51 37.48
N LYS B 348 16.06 -12.91 37.65
CA LYS B 348 16.23 -11.72 38.53
C LYS B 348 15.56 -10.46 37.92
N PRO B 349 15.08 -9.52 38.75
CA PRO B 349 14.42 -8.39 38.08
C PRO B 349 15.45 -7.50 37.39
N ARG B 350 15.26 -7.19 36.12
CA ARG B 350 16.19 -6.31 35.43
C ARG B 350 16.06 -4.88 35.97
N GLY B 351 17.11 -4.10 35.75
CA GLY B 351 17.16 -2.73 36.20
C GLY B 351 16.21 -1.81 35.46
N TYR B 352 16.21 -0.56 35.89
CA TYR B 352 15.40 0.47 35.31
C TYR B 352 15.57 0.69 33.78
N THR B 353 16.79 0.71 33.25
CA THR B 353 16.94 1.02 31.81
C THR B 353 16.40 -0.11 30.91
N GLN B 354 16.82 -1.35 31.13
CA GLN B 354 16.30 -2.53 30.39
C GLN B 354 14.76 -2.69 30.44
N TYR B 355 14.24 -2.67 31.66
CA TYR B 355 12.82 -2.60 31.91
C TYR B 355 12.03 -1.61 30.99
N HIS B 356 12.57 -0.39 30.78
CA HIS B 356 11.94 0.62 29.90
C HIS B 356 11.98 0.17 28.49
N ILE B 357 13.11 -0.37 28.06
CA ILE B 357 13.20 -0.97 26.75
C ILE B 357 12.14 -2.08 26.60
N TYR B 358 11.94 -2.94 27.62
CA TYR B 358 10.88 -3.97 27.50
C TYR B 358 9.50 -3.38 27.32
N LEU B 359 9.20 -2.36 28.11
CA LEU B 359 7.91 -1.77 28.10
C LEU B 359 7.71 -1.06 26.80
N LYS B 360 8.76 -0.42 26.33
CA LYS B 360 8.67 0.28 25.05
C LYS B 360 8.56 -0.72 23.90
N HIS B 361 9.24 -1.87 24.03
CA HIS B 361 9.08 -2.93 23.05
C HIS B 361 7.64 -3.45 23.05
N LEU B 362 7.05 -3.64 24.22
CA LEU B 362 5.71 -4.16 24.26
C LEU B 362 4.72 -3.19 23.64
N THR B 363 4.97 -1.89 23.83
CA THR B 363 4.06 -0.88 23.31
C THR B 363 4.20 -0.64 21.81
N SER B 364 5.35 -0.90 21.23
CA SER B 364 5.52 -0.75 19.77
C SER B 364 4.91 -1.87 18.96
N LEU B 365 4.96 -3.06 19.51
CA LEU B 365 4.26 -4.21 18.99
C LEU B 365 2.73 -4.11 19.13
N GLY B 366 2.23 -3.05 19.79
CA GLY B 366 0.79 -2.88 20.01
C GLY B 366 0.18 -3.97 20.89
N LEU B 367 1.00 -4.52 21.80
CA LEU B 367 0.57 -5.51 22.78
C LEU B 367 0.13 -4.80 24.06
N VAL B 368 0.70 -3.63 24.28
CA VAL B 368 0.36 -2.76 25.40
C VAL B 368 0.16 -1.36 24.78
N ASP B 369 -0.86 -0.66 25.25
CA ASP B 369 -1.07 0.76 25.04
C ASP B 369 -0.58 1.46 26.29
N ALA B 370 0.18 2.52 26.06
CA ALA B 370 0.68 3.37 27.11
C ALA B 370 0.05 4.72 26.97
N LYS B 371 -0.27 5.31 28.11
CA LYS B 371 -0.84 6.64 28.19
C LYS B 371 0.17 7.38 29.08
N PRO B 372 1.32 7.84 28.48
CA PRO B 372 2.48 8.48 29.15
C PRO B 372 2.36 9.98 29.22
N SER B 373 1.14 10.46 29.36
CA SER B 373 0.97 11.85 29.17
C SER B 373 0.89 12.51 30.56
N THR B 381 5.40 8.72 35.39
CA THR B 381 3.92 8.61 35.54
C THR B 381 3.21 8.44 34.16
N THR B 382 2.99 7.17 33.84
CA THR B 382 2.48 6.68 32.57
C THR B 382 1.52 5.57 32.99
N LEU B 383 0.51 5.34 32.19
CA LEU B 383 -0.47 4.32 32.53
C LEU B 383 -0.45 3.33 31.37
N PHE B 384 -0.64 2.05 31.68
CA PHE B 384 -0.56 0.98 30.69
C PHE B 384 -1.82 0.12 30.66
N ARG B 385 -2.29 -0.25 29.47
CA ARG B 385 -3.33 -1.26 29.42
C ARG B 385 -2.97 -2.38 28.47
N LEU B 386 -3.66 -3.50 28.70
CA LEU B 386 -3.69 -4.58 27.76
C LEU B 386 -4.39 -4.03 26.55
N ALA B 387 -3.85 -4.34 25.38
CA ALA B 387 -4.52 -3.95 24.14
C ALA B 387 -5.90 -4.63 24.06
N PRO B 388 -6.93 -3.91 23.63
CA PRO B 388 -8.27 -4.46 23.64
C PRO B 388 -8.50 -5.75 22.84
N HIS B 389 -7.68 -6.00 21.83
CA HIS B 389 -7.88 -7.22 21.02
C HIS B 389 -7.43 -8.49 21.74
N LEU B 390 -6.71 -8.35 22.86
CA LEU B 390 -6.20 -9.49 23.62
C LEU B 390 -7.03 -9.70 24.90
N PRO B 391 -7.78 -10.83 24.98
CA PRO B 391 -8.50 -11.17 26.19
C PRO B 391 -7.54 -11.60 27.29
N ALA B 392 -7.70 -10.98 28.45
CA ALA B 392 -6.74 -11.08 29.52
C ALA B 392 -6.53 -12.52 29.97
N ASP B 393 -7.64 -13.29 30.07
CA ASP B 393 -7.62 -14.68 30.61
C ASP B 393 -6.99 -15.75 29.69
N ARG B 394 -7.34 -15.75 28.40
CA ARG B 394 -6.63 -16.60 27.43
C ARG B 394 -5.14 -16.24 27.34
N LEU B 395 -4.82 -14.95 27.48
CA LEU B 395 -3.44 -14.48 27.27
C LEU B 395 -2.54 -14.94 28.38
N ILE B 396 -3.03 -14.92 29.61
CA ILE B 396 -2.25 -15.39 30.75
C ILE B 396 -1.83 -16.86 30.58
N GLU B 397 -2.79 -17.73 30.25
CA GLU B 397 -2.52 -19.14 29.99
C GLU B 397 -1.45 -19.35 28.88
N VAL B 398 -1.71 -18.76 27.71
CA VAL B 398 -0.80 -18.83 26.56
C VAL B 398 0.58 -18.33 26.94
N VAL B 399 0.65 -17.16 27.55
CA VAL B 399 1.91 -16.62 28.06
C VAL B 399 2.59 -17.58 29.07
N ASP B 400 1.84 -18.04 30.08
CA ASP B 400 2.33 -19.05 30.99
C ASP B 400 2.87 -20.29 30.27
N ASN B 401 2.17 -20.75 29.23
CA ASN B 401 2.67 -21.86 28.43
C ASN B 401 3.99 -21.52 27.72
N ILE B 402 4.15 -20.29 27.26
CA ILE B 402 5.36 -19.98 26.52
C ILE B 402 6.51 -19.61 27.49
N ILE B 403 6.19 -19.15 28.69
CA ILE B 403 7.23 -18.98 29.71
C ILE B 403 7.78 -20.35 30.18
N GLN B 404 6.87 -21.31 30.27
CA GLN B 404 7.20 -22.66 30.63
C GLN B 404 8.24 -23.29 29.67
N ALA B 405 8.02 -23.15 28.35
CA ALA B 405 8.87 -23.84 27.37
C ALA B 405 10.23 -23.15 27.21
N LYS B 406 10.26 -21.84 27.36
CA LYS B 406 11.53 -21.11 27.30
C LYS B 406 12.42 -21.45 28.50
N MET B 407 11.79 -21.79 29.62
CA MET B 407 12.50 -22.10 30.86
C MET B 407 12.97 -23.55 30.95
N ALA B 408 12.16 -24.46 30.41
CA ALA B 408 12.50 -25.88 30.34
C ALA B 408 13.89 -26.09 29.73
N SER B 409 14.25 -25.16 28.84
CA SER B 409 15.60 -25.08 28.30
C SER B 409 16.54 -24.30 29.24
S SO4 C . 9.32 4.69 -12.64
O1 SO4 C . 10.68 4.68 -13.15
O2 SO4 C . 8.46 3.79 -13.37
O3 SO4 C . 8.90 6.10 -12.61
O4 SO4 C . 9.23 4.17 -11.27
S SO4 D . 4.69 13.42 -43.79
O1 SO4 D . 6.06 13.67 -43.37
O2 SO4 D . 4.64 12.25 -44.66
O3 SO4 D . 4.10 14.55 -44.54
O4 SO4 D . 3.99 13.16 -42.55
PB ADP E . 1.31 14.51 -12.76
O1B ADP E . 2.36 15.58 -12.97
O2B ADP E . 1.89 13.18 -12.31
O3B ADP E . 0.21 15.00 -11.79
PA ADP E . -0.83 14.96 -14.69
O1A ADP E . -0.70 16.42 -14.45
O2A ADP E . -1.98 14.14 -14.14
O3A ADP E . 0.62 14.28 -14.19
O5' ADP E . -0.74 14.68 -16.30
C5' ADP E . 0.11 15.41 -17.21
C4' ADP E . -0.60 15.58 -18.51
O4' ADP E . -0.80 14.29 -19.13
C3' ADP E . -1.98 16.18 -18.39
O3' ADP E . -2.34 16.86 -19.57
C2' ADP E . -2.93 14.97 -18.25
O2' ADP E . -4.26 15.22 -18.77
C1' ADP E . -2.20 13.96 -19.17
N9 ADP E . -2.52 12.59 -18.73
C8 ADP E . -1.85 11.95 -17.76
N7 ADP E . -2.32 10.73 -17.57
C5 ADP E . -3.29 10.54 -18.44
C6 ADP E . -4.21 9.43 -18.71
N6 ADP E . -4.08 8.31 -17.96
N1 ADP E . -5.11 9.58 -19.72
C2 ADP E . -5.18 10.77 -20.40
N3 ADP E . -4.36 11.82 -20.15
C4 ADP E . -3.43 11.78 -19.23
S SO4 F . -11.14 -1.96 11.34
O1 SO4 F . -9.90 -1.27 11.15
O2 SO4 F . -10.79 -3.38 11.39
O3 SO4 F . -12.09 -1.73 10.30
O4 SO4 F . -11.70 -1.61 12.64
S SO4 G . -37.88 -21.01 13.07
O1 SO4 G . -36.79 -20.60 12.20
O2 SO4 G . -37.67 -22.42 13.39
O3 SO4 G . -39.12 -20.80 12.39
O4 SO4 G . -37.79 -20.23 14.30
PB ADP H . -8.02 -13.49 6.70
O1B ADP H . -7.75 -14.11 8.05
O2B ADP H . -8.22 -12.00 6.90
O3B ADP H . -7.08 -13.86 5.55
PA ADP H . -9.64 -15.20 5.06
O1A ADP H . -8.94 -16.44 5.52
O2A ADP H . -9.50 -14.76 3.60
O3A ADP H . -9.41 -14.03 6.13
O5' ADP H . -11.24 -15.40 5.17
C5' ADP H . -11.82 -16.10 6.31
C4' ADP H . -13.02 -16.88 5.91
O4' ADP H . -13.89 -15.85 5.47
C3' ADP H . -12.77 -17.76 4.72
O3' ADP H . -13.65 -18.86 4.66
C2' ADP H . -13.09 -16.85 3.52
O2' ADP H . -13.49 -17.57 2.33
C1' ADP H . -14.24 -16.04 4.08
N9 ADP H . -14.27 -14.81 3.31
C8 ADP H . -13.53 -13.70 3.63
N7 ADP H . -13.78 -12.70 2.76
C5 ADP H . -14.71 -13.18 1.88
C6 ADP H . -15.37 -12.64 0.71
N6 ADP H . -15.03 -11.38 0.40
N1 ADP H . -16.28 -13.40 0.05
C2 ADP H . -16.53 -14.67 0.45
N3 ADP H . -15.93 -15.23 1.53
C4 ADP H . -15.02 -14.56 2.24
#